data_5G4Q
#
_entry.id   5G4Q
#
_cell.length_a   82.311
_cell.length_b   66.372
_cell.length_c   89.119
_cell.angle_alpha   90.00
_cell.angle_beta   115.96
_cell.angle_gamma   90.00
#
_symmetry.space_group_name_H-M   'P 1 21 1'
#
loop_
_entity.id
_entity.type
_entity.pdbx_description
1 polymer 'DNA POLYMERASE III SUBUNIT BETA'
2 non-polymer 5-chloro-1H-indole-2,3-dione
3 water water
#
_entity_poly.entity_id   1
_entity_poly.type   'polypeptide(L)'
_entity_poly.pdbx_seq_one_letter_code
;MKISVSKNDLENALRYLQAFLDKKDASSIASHIHLEVIKEKLFLKASDSDIGLKSYIFTQSSDKEGVGTINGKKFLDIIS
CLKDSNIILETKDDSLAIKQNKSSFKLPMFDADEFPEFPVIDPKVSIEVNAPFLVDAFKKIAPVIEQTSHKRELAGILMQ
FDQKHQTLSVVGTDTKRLSYTQLEKISIHSTEEDISCILPKRALLEILKLFYENFSFKSDGMLAVIENEMHTFFTKLIDG
NYPDYQKILPKEYISSFTLGKEEFKESIKLCSSLSSTIKLTLEKNNALFESLDSEHSETAKTSVEIEKGLDIEKAFHLGV
NAKFFLEALNALGTTQFVLRCNEPSSPFLIQESLDEKQSHLNAKISTLMMPITL
;
_entity_poly.pdbx_strand_id   A,B
#
loop_
_chem_comp.id
_chem_comp.type
_chem_comp.name
_chem_comp.formula
2HQ non-polymer 5-chloro-1H-indole-2,3-dione 'C8 H4 Cl N O2'
#
# COMPACT_ATOMS: atom_id res chain seq x y z
N MET A 1 -9.80 14.19 -16.98
CA MET A 1 -9.60 12.83 -17.52
C MET A 1 -10.42 12.54 -18.74
N LYS A 2 -10.06 11.44 -19.42
CA LYS A 2 -10.75 11.01 -20.60
C LYS A 2 -10.37 9.58 -21.01
N ILE A 3 -11.38 8.73 -21.26
CA ILE A 3 -11.22 7.29 -21.58
C ILE A 3 -12.41 6.68 -22.30
N SER A 4 -12.26 5.49 -22.87
CA SER A 4 -13.43 4.66 -23.16
C SER A 4 -13.37 3.39 -22.33
N VAL A 5 -14.55 2.78 -22.10
CA VAL A 5 -14.71 1.54 -21.31
C VAL A 5 -15.78 0.62 -21.89
N SER A 6 -15.77 -0.64 -21.46
CA SER A 6 -16.83 -1.59 -21.80
C SER A 6 -18.02 -1.29 -20.91
N LYS A 7 -19.20 -1.23 -21.51
CA LYS A 7 -20.42 -0.94 -20.80
C LYS A 7 -20.66 -2.02 -19.74
N ASN A 8 -20.60 -3.30 -20.11
CA ASN A 8 -20.92 -4.40 -19.15
C ASN A 8 -20.07 -4.32 -17.94
N ASP A 9 -18.77 -4.15 -18.17
CA ASP A 9 -17.75 -4.06 -17.10
C ASP A 9 -18.00 -2.90 -16.14
N LEU A 10 -18.39 -1.79 -16.72
CA LEU A 10 -18.66 -0.58 -15.97
C LEU A 10 -19.94 -0.82 -15.17
N GLU A 11 -20.98 -1.36 -15.82
CA GLU A 11 -22.26 -1.63 -15.18
C GLU A 11 -22.06 -2.53 -13.99
N ASN A 12 -21.40 -3.65 -14.24
CA ASN A 12 -21.08 -4.52 -13.15
C ASN A 12 -20.43 -3.82 -11.97
N ALA A 13 -19.40 -3.00 -12.21
CA ALA A 13 -18.69 -2.33 -11.12
C ALA A 13 -19.56 -1.34 -10.35
N LEU A 14 -20.45 -0.68 -11.11
CA LEU A 14 -21.39 0.29 -10.52
C LEU A 14 -22.41 -0.36 -9.61
N ARG A 15 -22.86 -1.55 -9.98
CA ARG A 15 -23.82 -2.34 -9.18
C ARG A 15 -23.28 -2.69 -7.83
N TYR A 16 -22.04 -3.18 -7.78
CA TYR A 16 -21.45 -3.48 -6.46
C TYR A 16 -21.24 -2.24 -5.58
N LEU A 17 -21.00 -1.10 -6.18
CA LEU A 17 -20.74 0.09 -5.38
C LEU A 17 -21.98 0.67 -4.79
N GLN A 18 -23.17 0.26 -5.28
CA GLN A 18 -24.40 0.91 -4.87
C GLN A 18 -24.61 0.87 -3.38
N ALA A 19 -24.25 -0.26 -2.77
CA ALA A 19 -24.51 -0.48 -1.34
C ALA A 19 -23.62 0.36 -0.47
N PHE A 20 -22.55 0.93 -1.02
CA PHE A 20 -21.62 1.78 -0.25
C PHE A 20 -21.91 3.29 -0.38
N LEU A 21 -23.05 3.64 -0.98
CA LEU A 21 -23.45 5.03 -1.18
C LEU A 21 -24.64 5.33 -0.29
N ASP A 22 -24.64 6.47 0.36
CA ASP A 22 -25.84 7.12 0.88
C ASP A 22 -26.54 7.84 -0.26
N LYS A 23 -27.63 7.26 -0.76
CA LYS A 23 -28.21 7.74 -2.03
C LYS A 23 -29.28 8.75 -1.87
N LYS A 24 -29.82 8.94 -0.67
CA LYS A 24 -31.01 9.78 -0.53
C LYS A 24 -30.73 11.24 -0.74
N ASP A 25 -29.54 11.68 -0.36
CA ASP A 25 -29.13 13.06 -0.60
C ASP A 25 -28.13 13.13 -1.76
N ALA A 26 -28.65 13.43 -2.95
CA ALA A 26 -27.84 13.55 -4.17
C ALA A 26 -26.83 14.65 -4.12
N SER A 27 -27.05 15.66 -3.28
CA SER A 27 -26.19 16.84 -3.17
C SER A 27 -24.96 16.64 -2.23
N SER A 28 -24.85 15.47 -1.62
CA SER A 28 -23.71 15.14 -0.73
C SER A 28 -22.76 14.22 -1.45
N ILE A 29 -21.45 14.42 -1.19
CA ILE A 29 -20.43 13.58 -1.75
C ILE A 29 -20.58 12.07 -1.35
N ALA A 30 -21.25 11.83 -0.24
CA ALA A 30 -21.55 10.45 0.19
C ALA A 30 -22.42 9.72 -0.84
N SER A 31 -23.17 10.47 -1.68
CA SER A 31 -23.91 9.90 -2.77
C SER A 31 -23.07 9.66 -3.99
N HIS A 32 -21.79 10.03 -3.91
CA HIS A 32 -20.90 9.95 -5.04
C HIS A 32 -19.85 8.83 -4.96
N ILE A 33 -19.43 8.41 -6.16
CA ILE A 33 -18.32 7.55 -6.38
C ILE A 33 -17.07 8.35 -6.79
N HIS A 34 -15.91 7.97 -6.24
CA HIS A 34 -14.63 8.57 -6.64
C HIS A 34 -14.11 7.84 -7.83
N LEU A 35 -13.69 8.61 -8.82
CA LEU A 35 -13.13 8.06 -10.06
C LEU A 35 -11.64 8.38 -10.18
N GLU A 36 -10.87 7.51 -10.81
CA GLU A 36 -9.45 7.78 -11.03
C GLU A 36 -8.93 6.92 -12.17
N VAL A 37 -8.34 7.57 -13.15
CA VAL A 37 -7.67 6.94 -14.25
C VAL A 37 -6.17 7.11 -14.06
N ILE A 38 -5.51 6.01 -13.71
CA ILE A 38 -4.05 5.88 -13.78
C ILE A 38 -3.75 4.63 -14.67
N LYS A 39 -2.72 4.71 -15.50
CA LYS A 39 -2.31 3.60 -16.39
C LYS A 39 -3.46 3.26 -17.35
N GLU A 40 -3.73 1.97 -17.60
CA GLU A 40 -4.85 1.57 -18.45
C GLU A 40 -6.01 1.05 -17.60
N LYS A 41 -6.21 1.64 -16.42
CA LYS A 41 -7.24 1.29 -15.43
C LYS A 41 -8.13 2.48 -15.00
N LEU A 42 -9.37 2.17 -14.72
CA LEU A 42 -10.24 3.09 -14.05
C LEU A 42 -10.51 2.56 -12.70
N PHE A 43 -10.16 3.31 -11.66
CA PHE A 43 -10.55 3.02 -10.29
C PHE A 43 -11.78 3.78 -9.84
N LEU A 44 -12.70 3.03 -9.24
CA LEU A 44 -13.96 3.52 -8.69
C LEU A 44 -13.96 3.15 -7.22
N LYS A 45 -14.43 4.07 -6.40
CA LYS A 45 -14.26 3.96 -4.98
C LYS A 45 -15.44 4.64 -4.29
N ALA A 46 -16.09 3.92 -3.40
CA ALA A 46 -17.11 4.47 -2.58
C ALA A 46 -16.79 4.03 -1.18
N SER A 47 -16.72 4.99 -0.28
CA SER A 47 -16.42 4.68 1.12
C SER A 47 -16.79 5.79 2.10
N ASP A 48 -16.66 5.45 3.36
CA ASP A 48 -16.79 6.42 4.44
C ASP A 48 -15.88 6.02 5.57
N SER A 49 -16.01 6.68 6.70
CA SER A 49 -15.35 6.25 7.93
C SER A 49 -15.49 4.73 8.23
N ASP A 50 -16.70 4.20 8.03
CA ASP A 50 -17.12 2.90 8.55
C ASP A 50 -16.76 1.69 7.65
N ILE A 51 -16.89 1.87 6.35
CA ILE A 51 -16.89 0.79 5.39
C ILE A 51 -16.57 1.37 4.04
N GLY A 52 -15.98 0.57 3.18
CA GLY A 52 -15.73 1.06 1.85
C GLY A 52 -15.32 -0.04 0.91
N LEU A 53 -15.43 0.25 -0.38
CA LEU A 53 -15.01 -0.62 -1.43
C LEU A 53 -14.32 0.16 -2.55
N LYS A 54 -13.20 -0.40 -3.03
CA LYS A 54 -12.45 0.10 -4.18
C LYS A 54 -12.37 -0.99 -5.28
N SER A 55 -12.75 -0.64 -6.51
CA SER A 55 -12.75 -1.54 -7.67
C SER A 55 -11.94 -0.90 -8.77
N TYR A 56 -11.59 -1.69 -9.79
CA TYR A 56 -11.10 -1.14 -11.03
C TYR A 56 -11.67 -1.93 -12.19
N ILE A 57 -11.70 -1.31 -13.36
CA ILE A 57 -11.86 -2.01 -14.61
C ILE A 57 -10.71 -1.55 -15.48
N PHE A 58 -10.45 -2.30 -16.54
CA PHE A 58 -9.46 -1.93 -17.52
C PHE A 58 -10.12 -0.99 -18.49
N THR A 59 -9.33 -0.07 -19.04
CA THR A 59 -9.83 0.84 -20.08
C THR A 59 -9.61 0.22 -21.45
N GLN A 60 -10.48 0.55 -22.40
CA GLN A 60 -10.30 0.22 -23.83
C GLN A 60 -9.43 1.23 -24.57
N SER A 61 -9.55 2.50 -24.21
CA SER A 61 -8.55 3.49 -24.58
C SER A 61 -8.36 4.38 -23.36
N SER A 62 -7.21 5.02 -23.30
CA SER A 62 -6.96 6.04 -22.32
C SER A 62 -6.52 7.22 -23.14
N ASP A 63 -6.43 8.38 -22.53
CA ASP A 63 -6.06 9.60 -23.26
C ASP A 63 -5.66 10.66 -22.28
N LYS A 64 -6.47 10.84 -21.25
CA LYS A 64 -6.14 11.73 -20.16
C LYS A 64 -6.46 11.08 -18.83
N GLU A 65 -5.42 11.11 -18.01
CA GLU A 65 -5.45 10.64 -16.67
C GLU A 65 -5.82 11.80 -15.72
N GLY A 66 -6.47 11.43 -14.62
CA GLY A 66 -6.84 12.35 -13.58
C GLY A 66 -7.93 11.70 -12.76
N VAL A 67 -8.59 12.56 -12.00
CA VAL A 67 -9.56 12.19 -11.02
C VAL A 67 -10.84 13.02 -11.15
N GLY A 68 -11.88 12.56 -10.45
CA GLY A 68 -13.24 13.00 -10.61
C GLY A 68 -14.18 12.37 -9.59
N THR A 69 -15.44 12.82 -9.57
CA THR A 69 -16.48 12.21 -8.73
C THR A 69 -17.76 12.28 -9.47
N ILE A 70 -18.69 11.40 -9.10
CA ILE A 70 -19.99 11.35 -9.77
C ILE A 70 -21.05 10.72 -8.89
N ASN A 71 -22.30 11.19 -8.97
CA ASN A 71 -23.45 10.48 -8.35
C ASN A 71 -23.61 9.01 -8.83
N GLY A 72 -23.46 8.07 -7.90
CA GLY A 72 -23.38 6.64 -8.23
C GLY A 72 -24.67 6.06 -8.81
N LYS A 73 -25.78 6.43 -8.18
CA LYS A 73 -27.09 6.00 -8.62
C LYS A 73 -27.39 6.52 -9.99
N LYS A 74 -27.24 7.85 -10.14
CA LYS A 74 -27.55 8.40 -11.46
C LYS A 74 -26.67 7.76 -12.52
N PHE A 75 -25.40 7.47 -12.16
CA PHE A 75 -24.43 6.91 -13.10
C PHE A 75 -24.93 5.54 -13.51
N LEU A 76 -25.39 4.74 -12.55
CA LEU A 76 -25.84 3.39 -12.84
C LEU A 76 -27.13 3.44 -13.63
N ASP A 77 -28.01 4.38 -13.26
CA ASP A 77 -29.25 4.55 -14.03
C ASP A 77 -28.93 4.84 -15.46
N ILE A 78 -28.03 5.78 -15.71
CA ILE A 78 -27.67 6.07 -17.11
C ILE A 78 -27.07 4.87 -17.83
N ILE A 79 -26.03 4.28 -17.25
CA ILE A 79 -25.30 3.18 -17.91
C ILE A 79 -26.19 1.97 -18.26
N SER A 80 -27.12 1.63 -17.38
CA SER A 80 -27.92 0.44 -17.59
C SER A 80 -28.96 0.62 -18.70
N CYS A 81 -29.06 1.83 -19.24
CA CYS A 81 -29.99 2.13 -20.33
C CYS A 81 -29.29 2.26 -21.69
N LEU A 82 -28.00 2.06 -21.73
CA LEU A 82 -27.27 2.14 -22.98
C LEU A 82 -27.17 0.78 -23.65
N LYS A 83 -26.87 0.83 -24.93
CA LYS A 83 -26.40 -0.30 -25.73
C LYS A 83 -25.13 -0.95 -25.15
N ASP A 84 -24.75 -2.12 -25.69
CA ASP A 84 -23.58 -2.87 -25.18
C ASP A 84 -22.23 -2.25 -25.61
N SER A 85 -22.29 -1.41 -26.64
CA SER A 85 -21.22 -0.52 -27.16
C SER A 85 -20.21 0.06 -26.09
N ASN A 86 -19.08 0.59 -26.55
CA ASN A 86 -18.14 1.25 -25.65
C ASN A 86 -18.64 2.65 -25.31
N ILE A 87 -18.27 3.10 -24.12
CA ILE A 87 -18.72 4.34 -23.52
C ILE A 87 -17.53 5.28 -23.25
N ILE A 88 -17.62 6.53 -23.72
CA ILE A 88 -16.59 7.51 -23.48
C ILE A 88 -16.94 8.28 -22.22
N LEU A 89 -15.98 8.34 -21.31
CA LEU A 89 -16.12 9.12 -20.08
C LEU A 89 -15.08 10.20 -20.20
N GLU A 90 -15.53 11.44 -20.15
CA GLU A 90 -14.66 12.55 -20.39
C GLU A 90 -15.09 13.67 -19.51
N THR A 91 -14.16 14.26 -18.77
CA THR A 91 -14.44 15.41 -17.99
C THR A 91 -14.53 16.57 -18.96
N LYS A 92 -15.06 17.65 -18.46
CA LYS A 92 -15.40 18.81 -19.26
C LYS A 92 -15.87 19.82 -18.20
N ASP A 93 -14.94 20.60 -17.67
CA ASP A 93 -15.24 21.55 -16.63
C ASP A 93 -15.31 20.75 -15.33
N ASP A 94 -16.30 21.05 -14.48
CA ASP A 94 -16.54 20.29 -13.26
C ASP A 94 -17.77 19.37 -13.48
N SER A 95 -17.77 18.74 -14.65
CA SER A 95 -18.85 17.94 -15.14
C SER A 95 -18.24 16.69 -15.81
N LEU A 96 -18.90 15.54 -15.70
CA LEU A 96 -18.46 14.34 -16.43
C LEU A 96 -19.42 14.11 -17.58
N ALA A 97 -18.87 14.00 -18.80
CA ALA A 97 -19.63 13.64 -19.97
C ALA A 97 -19.51 12.17 -20.18
N ILE A 98 -20.66 11.59 -20.48
CA ILE A 98 -20.77 10.21 -20.79
C ILE A 98 -21.28 10.21 -22.22
N LYS A 99 -20.69 9.39 -23.09
CA LYS A 99 -21.04 9.39 -24.54
C LYS A 99 -21.08 8.00 -25.14
N GLN A 100 -22.15 7.70 -25.85
CA GLN A 100 -22.20 6.45 -26.63
C GLN A 100 -22.96 6.75 -27.91
N ASN A 101 -22.23 6.89 -29.00
CA ASN A 101 -22.78 7.19 -30.33
C ASN A 101 -23.69 8.43 -30.35
N LYS A 102 -25.00 8.25 -30.41
CA LYS A 102 -25.95 9.37 -30.53
C LYS A 102 -26.28 9.91 -29.13
N SER A 103 -25.94 9.16 -28.08
CA SER A 103 -26.37 9.49 -26.73
C SER A 103 -25.24 10.16 -25.98
N SER A 104 -25.58 11.24 -25.31
CA SER A 104 -24.61 11.92 -24.50
C SER A 104 -25.25 12.50 -23.27
N PHE A 105 -24.53 12.50 -22.16
CA PHE A 105 -25.01 12.90 -20.84
C PHE A 105 -23.95 13.76 -20.15
N LYS A 106 -24.40 14.65 -19.25
CA LYS A 106 -23.51 15.44 -18.37
C LYS A 106 -23.98 15.36 -16.96
N LEU A 107 -23.06 15.10 -16.05
CA LEU A 107 -23.35 15.05 -14.62
C LEU A 107 -22.34 15.91 -13.84
N PRO A 108 -22.80 16.59 -12.75
CA PRO A 108 -21.91 17.52 -12.02
C PRO A 108 -20.95 16.68 -11.21
N MET A 109 -19.66 17.03 -11.18
CA MET A 109 -18.68 16.35 -10.30
C MET A 109 -18.47 17.23 -9.07
N PHE A 110 -18.07 16.64 -7.98
CA PHE A 110 -17.75 17.35 -6.75
C PHE A 110 -16.23 17.34 -6.63
N ASP A 111 -15.73 18.03 -5.61
CA ASP A 111 -14.28 18.09 -5.37
C ASP A 111 -13.79 16.71 -4.86
N ALA A 112 -12.99 16.04 -5.69
CA ALA A 112 -12.34 14.76 -5.32
C ALA A 112 -11.51 14.87 -4.05
N ASP A 113 -11.05 16.06 -3.68
CA ASP A 113 -10.40 16.19 -2.38
C ASP A 113 -11.26 15.98 -1.14
N GLU A 114 -12.59 16.07 -1.19
CA GLU A 114 -13.42 15.93 0.07
C GLU A 114 -13.69 14.47 0.38
N PHE A 115 -13.33 13.61 -0.57
CA PHE A 115 -13.55 12.20 -0.49
C PHE A 115 -12.64 11.58 0.55
N PRO A 116 -13.17 10.70 1.41
CA PRO A 116 -12.23 10.19 2.44
C PRO A 116 -11.16 9.29 1.80
N GLU A 117 -9.98 9.28 2.39
CA GLU A 117 -8.91 8.45 1.86
C GLU A 117 -9.28 6.98 2.20
N PHE A 118 -8.88 6.07 1.32
CA PHE A 118 -9.02 4.65 1.58
C PHE A 118 -7.89 4.15 2.48
N PRO A 119 -8.24 3.61 3.66
CA PRO A 119 -7.21 3.29 4.67
C PRO A 119 -6.31 2.12 4.34
N VAL A 120 -5.11 2.18 4.90
CA VAL A 120 -4.15 1.09 4.77
C VAL A 120 -3.82 0.63 6.16
N ILE A 121 -3.54 -0.67 6.28
CA ILE A 121 -3.24 -1.23 7.60
C ILE A 121 -1.86 -1.84 7.66
N ASP A 122 -1.27 -1.80 8.86
CA ASP A 122 -0.17 -2.69 9.24
C ASP A 122 -0.88 -3.90 9.83
N PRO A 123 -0.92 -5.01 9.09
CA PRO A 123 -1.73 -6.18 9.49
C PRO A 123 -1.23 -6.98 10.70
N LYS A 124 -2.00 -7.03 11.78
CA LYS A 124 -1.73 -7.95 12.88
C LYS A 124 -1.99 -9.39 12.50
N VAL A 125 -2.94 -9.66 11.62
CA VAL A 125 -3.29 -11.04 11.22
C VAL A 125 -3.58 -11.05 9.75
N SER A 126 -3.28 -12.13 9.05
CA SER A 126 -3.58 -12.22 7.67
C SER A 126 -3.76 -13.65 7.21
N ILE A 127 -4.71 -13.88 6.30
CA ILE A 127 -4.90 -15.20 5.74
C ILE A 127 -5.22 -15.10 4.28
N GLU A 128 -4.94 -16.17 3.57
CA GLU A 128 -5.25 -16.28 2.17
C GLU A 128 -6.30 -17.37 2.14
N VAL A 129 -7.42 -17.13 1.46
CA VAL A 129 -8.53 -18.05 1.48
C VAL A 129 -8.72 -18.50 0.05
N ASN A 130 -8.36 -19.75 -0.24
CA ASN A 130 -8.42 -20.34 -1.58
C ASN A 130 -9.44 -21.41 -1.71
N ALA A 131 -10.37 -21.46 -0.74
CA ALA A 131 -11.58 -22.31 -0.84
C ALA A 131 -12.78 -21.58 -0.25
N PRO A 132 -14.00 -22.02 -0.58
CA PRO A 132 -15.21 -21.31 -0.11
C PRO A 132 -15.63 -21.50 1.35
N PHE A 133 -14.84 -22.12 2.17
CA PHE A 133 -15.30 -22.46 3.51
C PHE A 133 -15.69 -21.22 4.35
N LEU A 134 -14.96 -20.12 4.20
CA LEU A 134 -15.22 -19.00 5.11
C LEU A 134 -16.52 -18.30 4.77
N VAL A 135 -16.71 -18.01 3.49
CA VAL A 135 -17.93 -17.37 3.08
C VAL A 135 -19.07 -18.34 3.36
N ASP A 136 -18.87 -19.64 3.14
CA ASP A 136 -19.86 -20.63 3.51
C ASP A 136 -20.24 -20.56 4.98
N ALA A 137 -19.26 -20.33 5.81
CA ALA A 137 -19.52 -20.16 7.21
C ALA A 137 -20.32 -18.91 7.47
N PHE A 138 -19.99 -17.86 6.74
CA PHE A 138 -20.64 -16.56 6.90
C PHE A 138 -22.12 -16.63 6.53
N LYS A 139 -22.43 -17.27 5.39
CA LYS A 139 -23.80 -17.42 4.93
C LYS A 139 -24.57 -18.25 5.88
N LYS A 140 -23.97 -19.30 6.40
CA LYS A 140 -24.69 -20.18 7.32
C LYS A 140 -25.01 -19.56 8.70
N ILE A 141 -24.11 -18.73 9.22
CA ILE A 141 -24.26 -18.16 10.54
C ILE A 141 -25.01 -16.81 10.50
N ALA A 142 -25.06 -16.14 9.35
CA ALA A 142 -25.60 -14.78 9.27
C ALA A 142 -27.00 -14.67 9.86
N PRO A 143 -27.86 -15.66 9.58
CA PRO A 143 -29.23 -15.48 10.04
C PRO A 143 -29.41 -15.28 11.53
N VAL A 144 -28.45 -15.72 12.34
CA VAL A 144 -28.66 -15.71 13.75
C VAL A 144 -28.26 -14.37 14.40
N ILE A 145 -27.84 -13.39 13.59
CA ILE A 145 -27.14 -12.19 14.09
C ILE A 145 -28.02 -10.96 14.00
N GLU A 153 -21.21 -5.66 20.21
CA GLU A 153 -20.39 -6.86 20.48
C GLU A 153 -21.01 -8.08 19.80
N LEU A 154 -22.21 -8.45 20.26
CA LEU A 154 -22.99 -9.55 19.68
C LEU A 154 -23.80 -9.09 18.48
N ALA A 155 -23.48 -7.90 17.94
CA ALA A 155 -24.09 -7.39 16.75
C ALA A 155 -23.17 -7.70 15.57
N GLY A 156 -22.18 -8.56 15.78
CA GLY A 156 -21.38 -9.06 14.67
C GLY A 156 -21.03 -10.53 14.67
N ILE A 157 -20.24 -10.92 13.68
CA ILE A 157 -19.78 -12.27 13.57
C ILE A 157 -18.34 -12.30 14.09
N LEU A 158 -18.03 -13.29 14.91
CA LEU A 158 -16.70 -13.42 15.49
C LEU A 158 -15.85 -14.31 14.63
N MET A 159 -14.65 -13.82 14.36
CA MET A 159 -13.57 -14.59 13.81
C MET A 159 -12.48 -14.56 14.89
N GLN A 160 -12.17 -15.70 15.46
CA GLN A 160 -11.06 -15.87 16.42
C GLN A 160 -10.00 -16.74 15.80
N PHE A 161 -8.77 -16.25 15.72
CA PHE A 161 -7.64 -17.00 15.14
C PHE A 161 -6.80 -17.60 16.26
N ASP A 162 -6.58 -18.90 16.22
CA ASP A 162 -5.59 -19.53 17.06
C ASP A 162 -4.41 -19.88 16.17
N GLN A 163 -3.35 -19.05 16.22
CA GLN A 163 -2.08 -19.35 15.54
C GLN A 163 -1.53 -20.73 15.95
N LYS A 164 -1.58 -21.08 17.24
CA LYS A 164 -1.01 -22.36 17.70
C LYS A 164 -1.64 -23.52 16.92
N HIS A 165 -2.97 -23.61 16.98
CA HIS A 165 -3.65 -24.78 16.39
C HIS A 165 -4.03 -24.66 14.91
N GLN A 166 -3.70 -23.52 14.27
CA GLN A 166 -4.04 -23.31 12.88
C GLN A 166 -5.56 -23.48 12.65
N THR A 167 -6.32 -22.78 13.50
CA THR A 167 -7.76 -22.85 13.48
C THR A 167 -8.36 -21.48 13.50
N LEU A 168 -9.41 -21.32 12.71
CA LEU A 168 -10.19 -20.09 12.67
C LEU A 168 -11.60 -20.50 13.07
N SER A 169 -12.09 -19.89 14.17
CA SER A 169 -13.40 -20.13 14.69
C SER A 169 -14.31 -18.98 14.27
N VAL A 170 -15.49 -19.32 13.76
CA VAL A 170 -16.51 -18.35 13.43
C VAL A 170 -17.77 -18.58 14.24
N VAL A 171 -18.29 -17.52 14.85
CA VAL A 171 -19.32 -17.60 15.87
C VAL A 171 -20.29 -16.48 15.73
N GLY A 172 -21.58 -16.83 15.79
CA GLY A 172 -22.69 -15.87 15.77
C GLY A 172 -23.68 -16.28 16.85
N THR A 173 -24.24 -15.29 17.53
CA THR A 173 -25.30 -15.50 18.48
C THR A 173 -26.15 -14.29 18.81
N ASP A 174 -27.39 -14.59 19.24
CA ASP A 174 -28.41 -13.63 19.65
C ASP A 174 -28.96 -13.95 21.04
N THR A 175 -28.18 -14.64 21.86
CA THR A 175 -28.56 -15.05 23.26
C THR A 175 -29.56 -16.22 23.41
N LYS A 176 -30.38 -16.48 22.41
CA LYS A 176 -31.31 -17.62 22.46
C LYS A 176 -30.76 -18.84 21.68
N ARG A 177 -29.83 -18.56 20.78
CA ARG A 177 -29.15 -19.60 20.05
C ARG A 177 -27.79 -19.13 19.67
N LEU A 178 -26.93 -20.09 19.40
CA LEU A 178 -25.55 -19.84 19.07
C LEU A 178 -25.11 -20.83 18.00
N SER A 179 -24.50 -20.32 16.92
CA SER A 179 -24.02 -21.12 15.84
C SER A 179 -22.57 -20.85 15.69
N TYR A 180 -21.81 -21.90 15.42
CA TYR A 180 -20.37 -21.83 15.37
C TYR A 180 -19.77 -22.89 14.43
N THR A 181 -18.57 -22.61 13.95
CA THR A 181 -17.80 -23.60 13.25
C THR A 181 -16.38 -23.30 13.66
N GLN A 182 -15.55 -24.32 13.55
CA GLN A 182 -14.12 -24.22 13.78
C GLN A 182 -13.52 -24.78 12.51
N LEU A 183 -12.85 -23.91 11.78
CA LEU A 183 -12.28 -24.29 10.51
C LEU A 183 -10.83 -24.66 10.79
N GLU A 184 -10.40 -25.83 10.33
CA GLU A 184 -9.07 -26.36 10.67
C GLU A 184 -8.10 -26.20 9.51
N LYS A 185 -6.81 -26.36 9.83
CA LYS A 185 -5.75 -26.48 8.80
C LYS A 185 -5.75 -25.21 7.92
N ILE A 186 -5.60 -24.08 8.60
CA ILE A 186 -5.63 -22.77 8.00
C ILE A 186 -4.34 -22.08 8.35
N SER A 187 -3.63 -21.66 7.29
CA SER A 187 -2.32 -21.10 7.35
C SER A 187 -2.52 -19.65 7.82
N ILE A 188 -2.49 -19.48 9.13
CA ILE A 188 -2.69 -18.19 9.75
C ILE A 188 -1.30 -17.55 9.90
N HIS A 189 -1.16 -16.33 9.37
CA HIS A 189 -0.01 -15.48 9.63
C HIS A 189 -0.40 -14.34 10.55
N SER A 190 0.10 -14.36 11.77
CA SER A 190 -0.10 -13.24 12.66
C SER A 190 1.09 -13.11 13.59
N THR A 191 1.12 -11.95 14.25
CA THR A 191 2.19 -11.52 15.12
C THR A 191 1.80 -11.55 16.60
N GLU A 192 0.60 -12.06 16.93
CA GLU A 192 0.23 -12.38 18.31
C GLU A 192 -0.29 -13.82 18.32
N GLU A 193 -0.77 -14.26 19.48
CA GLU A 193 -1.09 -15.68 19.70
C GLU A 193 -2.52 -16.08 19.27
N ASP A 194 -3.49 -15.33 19.83
CA ASP A 194 -4.91 -15.54 19.61
C ASP A 194 -5.52 -14.17 19.41
N ILE A 195 -6.00 -13.91 18.19
CA ILE A 195 -6.59 -12.61 17.84
C ILE A 195 -8.05 -12.80 17.50
N SER A 196 -8.86 -11.81 17.88
CA SER A 196 -10.29 -11.85 17.69
C SER A 196 -10.82 -10.60 17.02
N CYS A 197 -11.28 -10.73 15.76
CA CYS A 197 -12.03 -9.69 15.03
C CYS A 197 -13.56 -9.87 14.97
N ILE A 198 -14.31 -8.85 15.39
CA ILE A 198 -15.75 -8.88 15.25
C ILE A 198 -16.20 -8.04 14.05
N LEU A 199 -16.77 -8.70 13.04
CA LEU A 199 -17.24 -8.03 11.82
C LEU A 199 -18.67 -7.58 12.05
N PRO A 200 -19.02 -6.34 11.69
CA PRO A 200 -20.49 -5.96 11.71
C PRO A 200 -21.35 -6.66 10.65
N LYS A 201 -22.63 -6.77 10.95
CA LYS A 201 -23.58 -7.45 10.08
C LYS A 201 -23.61 -6.83 8.74
N ARG A 202 -23.68 -5.49 8.69
CA ARG A 202 -23.70 -4.84 7.40
C ARG A 202 -22.49 -5.33 6.56
N ALA A 203 -21.31 -5.43 7.17
CA ALA A 203 -20.10 -5.78 6.45
C ALA A 203 -20.14 -7.24 5.93
N LEU A 204 -20.54 -8.12 6.82
CA LEU A 204 -20.79 -9.53 6.50
C LEU A 204 -21.69 -9.71 5.28
N LEU A 205 -22.80 -8.99 5.26
CA LEU A 205 -23.69 -9.03 4.09
C LEU A 205 -23.02 -8.60 2.79
N GLU A 206 -22.30 -7.47 2.84
CA GLU A 206 -21.61 -6.98 1.64
C GLU A 206 -20.50 -7.95 1.20
N ILE A 207 -19.80 -8.55 2.15
CA ILE A 207 -18.82 -9.55 1.85
C ILE A 207 -19.44 -10.71 1.07
N LEU A 208 -20.64 -11.17 1.47
CA LEU A 208 -21.29 -12.26 0.74
C LEU A 208 -21.52 -11.92 -0.71
N LYS A 209 -21.70 -10.64 -1.01
CA LYS A 209 -21.89 -10.23 -2.39
C LYS A 209 -20.63 -10.13 -3.19
N LEU A 210 -19.46 -10.05 -2.56
CA LEU A 210 -18.26 -9.69 -3.30
C LEU A 210 -17.30 -10.81 -3.46
N PHE A 211 -17.16 -11.63 -2.41
CA PHE A 211 -16.08 -12.58 -2.31
C PHE A 211 -16.61 -14.01 -2.19
N TYR A 212 -15.97 -14.95 -2.90
CA TYR A 212 -16.27 -16.37 -2.78
C TYR A 212 -15.02 -17.12 -2.32
N GLU A 213 -13.98 -17.12 -3.15
CA GLU A 213 -12.67 -17.67 -2.79
C GLU A 213 -11.58 -16.94 -3.55
N ASN A 214 -10.34 -17.21 -3.18
CA ASN A 214 -9.16 -16.53 -3.71
C ASN A 214 -9.29 -15.06 -3.42
N PHE A 215 -9.32 -14.80 -2.12
CA PHE A 215 -9.17 -13.46 -1.58
C PHE A 215 -8.28 -13.52 -0.34
N SER A 216 -7.82 -12.37 0.14
CA SER A 216 -7.08 -12.26 1.39
C SER A 216 -7.83 -11.45 2.39
N PHE A 217 -7.54 -11.69 3.66
CA PHE A 217 -8.23 -11.04 4.73
C PHE A 217 -7.12 -10.67 5.64
N LYS A 218 -7.17 -9.44 6.12
CA LYS A 218 -6.11 -8.88 6.94
C LYS A 218 -6.80 -7.95 7.85
N SER A 219 -6.23 -7.81 9.02
CA SER A 219 -6.76 -6.90 9.98
C SER A 219 -5.63 -6.46 10.89
N ASP A 220 -5.54 -5.15 11.10
CA ASP A 220 -4.98 -4.63 12.34
C ASP A 220 -6.12 -4.91 13.30
N GLY A 221 -5.96 -4.61 14.58
CA GLY A 221 -7.04 -4.97 15.51
C GLY A 221 -8.26 -4.08 15.45
N MET A 222 -8.30 -3.18 14.44
CA MET A 222 -9.33 -2.13 14.30
C MET A 222 -10.12 -2.12 12.96
N LEU A 223 -9.49 -2.57 11.88
CA LEU A 223 -10.15 -2.64 10.58
C LEU A 223 -9.85 -4.00 9.96
N ALA A 224 -10.79 -4.47 9.16
CA ALA A 224 -10.58 -5.62 8.33
C ALA A 224 -10.55 -5.10 6.91
N VAL A 225 -9.58 -5.58 6.16
CA VAL A 225 -9.43 -5.27 4.79
C VAL A 225 -9.42 -6.63 4.12
N ILE A 226 -10.15 -6.76 3.03
CA ILE A 226 -10.33 -7.99 2.31
C ILE A 226 -10.16 -7.62 0.90
N GLU A 227 -9.45 -8.48 0.18
CA GLU A 227 -8.92 -8.13 -1.10
C GLU A 227 -8.84 -9.32 -2.03
N ASN A 228 -9.44 -9.24 -3.20
CA ASN A 228 -9.19 -10.16 -4.30
C ASN A 228 -8.64 -9.40 -5.52
N GLU A 229 -8.64 -10.04 -6.67
CA GLU A 229 -7.99 -9.52 -7.86
C GLU A 229 -8.73 -8.29 -8.39
N MET A 230 -10.06 -8.38 -8.50
CA MET A 230 -10.86 -7.20 -8.87
C MET A 230 -11.10 -6.12 -7.76
N HIS A 231 -11.07 -6.45 -6.46
CA HIS A 231 -11.58 -5.55 -5.37
C HIS A 231 -10.80 -5.46 -4.06
N THR A 232 -10.94 -4.34 -3.34
CA THR A 232 -10.50 -4.21 -1.97
C THR A 232 -11.67 -3.62 -1.16
N PHE A 233 -12.04 -4.27 -0.07
CA PHE A 233 -13.14 -3.86 0.72
C PHE A 233 -12.59 -3.67 2.10
N PHE A 234 -13.11 -2.71 2.84
CA PHE A 234 -12.76 -2.64 4.26
C PHE A 234 -13.97 -2.33 5.07
N THR A 235 -13.85 -2.69 6.33
CA THR A 235 -14.84 -2.30 7.28
C THR A 235 -14.19 -2.04 8.61
N LYS A 236 -14.84 -1.22 9.44
CA LYS A 236 -14.42 -1.06 10.82
C LYS A 236 -14.89 -2.30 11.60
N LEU A 237 -14.07 -2.77 12.55
CA LEU A 237 -14.47 -3.82 13.49
C LEU A 237 -15.32 -3.29 14.64
N ILE A 238 -15.98 -4.20 15.35
CA ILE A 238 -16.75 -3.85 16.52
C ILE A 238 -15.79 -4.02 17.68
N ASP A 239 -15.82 -3.07 18.61
CA ASP A 239 -14.79 -2.94 19.66
C ASP A 239 -14.94 -3.96 20.81
N GLY A 240 -13.95 -4.87 20.93
CA GLY A 240 -13.67 -5.71 22.12
C GLY A 240 -14.71 -6.59 22.82
N ASN A 241 -14.24 -7.68 23.42
CA ASN A 241 -15.04 -8.47 24.36
C ASN A 241 -16.30 -9.16 23.77
N TYR A 242 -16.07 -10.19 22.94
CA TYR A 242 -17.12 -11.14 22.50
C TYR A 242 -17.18 -12.23 23.55
N PRO A 243 -18.37 -12.51 24.13
CA PRO A 243 -18.41 -13.56 25.18
C PRO A 243 -17.76 -14.87 24.75
N ASP A 244 -17.11 -15.55 25.68
CA ASP A 244 -16.64 -16.89 25.34
C ASP A 244 -17.86 -17.83 25.19
N TYR A 245 -18.19 -18.05 23.92
CA TYR A 245 -19.12 -19.09 23.53
C TYR A 245 -18.73 -20.46 24.12
N GLN A 246 -17.43 -20.74 24.22
CA GLN A 246 -16.94 -21.99 24.80
C GLN A 246 -17.44 -22.23 26.24
N LYS A 247 -17.59 -21.14 27.00
CA LYS A 247 -18.18 -21.18 28.35
C LYS A 247 -19.62 -21.73 28.35
N ILE A 248 -20.39 -21.36 27.32
CA ILE A 248 -21.78 -21.79 27.18
C ILE A 248 -21.96 -23.29 26.81
N LEU A 249 -21.02 -23.89 26.07
CA LEU A 249 -21.27 -25.22 25.54
C LEU A 249 -21.41 -26.23 26.66
N PRO A 250 -22.36 -27.15 26.53
CA PRO A 250 -22.34 -28.27 27.46
C PRO A 250 -21.09 -29.11 27.28
N LYS A 251 -20.62 -29.73 28.37
CA LYS A 251 -19.49 -30.65 28.30
C LYS A 251 -19.94 -31.89 27.53
N GLU A 252 -20.92 -32.61 28.08
CA GLU A 252 -21.43 -33.83 27.50
C GLU A 252 -22.91 -33.68 27.17
N TYR A 253 -23.45 -34.61 26.39
CA TYR A 253 -24.90 -34.67 26.23
C TYR A 253 -25.31 -36.08 26.55
N ILE A 254 -26.42 -36.18 27.30
CA ILE A 254 -27.05 -37.46 27.62
C ILE A 254 -27.42 -38.24 26.35
N SER A 255 -28.34 -37.68 25.53
CA SER A 255 -28.86 -38.38 24.35
C SER A 255 -28.34 -37.73 23.08
N SER A 256 -28.06 -38.56 22.08
CA SER A 256 -27.76 -38.06 20.75
C SER A 256 -28.50 -38.82 19.65
N PHE A 257 -29.40 -38.13 18.93
CA PHE A 257 -30.23 -38.78 17.87
C PHE A 257 -29.96 -38.27 16.47
N THR A 258 -29.68 -39.20 15.56
CA THR A 258 -29.55 -38.98 14.12
C THR A 258 -30.94 -39.06 13.48
N LEU A 259 -31.32 -38.03 12.75
CA LEU A 259 -32.69 -37.79 12.30
C LEU A 259 -32.70 -37.17 10.89
N GLY A 260 -33.82 -37.33 10.15
CA GLY A 260 -33.99 -36.78 8.81
C GLY A 260 -34.18 -35.26 8.77
N LYS A 261 -33.29 -34.55 8.08
CA LYS A 261 -33.33 -33.11 7.97
C LYS A 261 -34.57 -32.58 7.25
N GLU A 262 -34.78 -33.04 6.01
CA GLU A 262 -35.94 -32.69 5.20
C GLU A 262 -37.28 -33.10 5.77
N GLU A 263 -37.39 -34.26 6.37
CA GLU A 263 -38.63 -34.63 7.07
C GLU A 263 -38.88 -33.67 8.25
N PHE A 264 -37.81 -33.29 8.93
CA PHE A 264 -37.93 -32.41 10.04
C PHE A 264 -38.31 -30.99 9.60
N LYS A 265 -37.67 -30.43 8.58
CA LYS A 265 -38.09 -29.11 8.02
C LYS A 265 -39.56 -29.06 7.66
N GLU A 266 -40.00 -30.04 6.87
CA GLU A 266 -41.40 -30.12 6.44
C GLU A 266 -42.33 -30.16 7.61
N SER A 267 -42.06 -31.04 8.57
CA SER A 267 -42.93 -31.22 9.70
C SER A 267 -42.99 -29.96 10.57
N ILE A 268 -41.90 -29.27 10.64
CA ILE A 268 -41.85 -28.01 11.38
C ILE A 268 -42.56 -26.82 10.67
N LYS A 269 -42.25 -26.60 9.40
CA LYS A 269 -42.95 -25.58 8.57
C LYS A 269 -44.43 -25.73 8.76
N LEU A 270 -44.83 -26.94 8.48
CA LEU A 270 -46.18 -27.36 8.56
C LEU A 270 -46.80 -27.08 9.89
N CYS A 271 -46.16 -27.38 11.01
CA CYS A 271 -46.80 -27.09 12.32
C CYS A 271 -46.76 -25.59 12.65
N SER A 272 -45.79 -24.90 12.09
CA SER A 272 -45.57 -23.52 12.41
C SER A 272 -46.49 -22.64 11.59
N SER A 273 -47.31 -23.22 10.71
CA SER A 273 -48.42 -22.48 10.13
C SER A 273 -49.40 -21.89 11.20
N LEU A 274 -49.58 -22.56 12.34
CA LEU A 274 -50.44 -22.06 13.44
C LEU A 274 -49.70 -21.57 14.73
N SER A 275 -48.37 -21.68 14.79
CA SER A 275 -47.60 -21.17 15.95
C SER A 275 -46.09 -21.03 15.72
N SER A 276 -45.49 -20.19 16.57
CA SER A 276 -44.07 -19.93 16.56
C SER A 276 -43.31 -21.09 17.22
N THR A 277 -43.97 -21.83 18.10
CA THR A 277 -43.33 -22.87 18.89
C THR A 277 -44.02 -24.25 18.72
N ILE A 278 -43.24 -25.30 18.95
CA ILE A 278 -43.61 -26.65 18.63
C ILE A 278 -43.17 -27.59 19.73
N LYS A 279 -43.97 -28.62 19.97
CA LYS A 279 -43.68 -29.73 20.88
C LYS A 279 -43.21 -30.92 20.03
N LEU A 280 -41.94 -31.26 20.18
CA LEU A 280 -41.36 -32.43 19.54
C LEU A 280 -41.47 -33.57 20.52
N THR A 281 -41.85 -34.75 20.03
CA THR A 281 -41.85 -35.90 20.86
C THR A 281 -41.12 -36.93 20.10
N LEU A 282 -40.14 -37.51 20.76
CA LEU A 282 -39.36 -38.52 20.12
C LEU A 282 -39.64 -39.80 20.88
N GLU A 283 -39.75 -40.88 20.11
CA GLU A 283 -39.97 -42.23 20.60
C GLU A 283 -39.01 -43.10 19.79
N LYS A 284 -39.04 -44.41 20.00
CA LYS A 284 -38.08 -45.33 19.36
C LYS A 284 -38.18 -45.31 17.84
N ASN A 285 -39.41 -45.29 17.34
CA ASN A 285 -39.67 -45.28 15.92
C ASN A 285 -40.56 -44.16 15.41
N ASN A 286 -40.71 -43.05 16.12
CA ASN A 286 -41.51 -41.95 15.63
C ASN A 286 -41.11 -40.64 16.17
N ALA A 287 -41.25 -39.62 15.35
CA ALA A 287 -41.16 -38.27 15.78
C ALA A 287 -42.53 -37.58 15.59
N LEU A 288 -43.01 -36.85 16.59
CA LEU A 288 -44.31 -36.26 16.57
C LEU A 288 -44.09 -34.77 16.77
N PHE A 289 -44.85 -33.98 16.03
CA PHE A 289 -44.76 -32.56 16.08
C PHE A 289 -46.13 -32.01 16.39
N GLU A 290 -46.21 -31.01 17.28
CA GLU A 290 -47.49 -30.39 17.64
C GLU A 290 -47.31 -28.91 17.88
N SER A 291 -48.15 -28.09 17.26
CA SER A 291 -48.17 -26.65 17.51
C SER A 291 -48.45 -26.42 19.00
N LEU A 292 -47.77 -25.44 19.58
CA LEU A 292 -47.69 -25.30 21.03
C LEU A 292 -48.39 -24.06 21.54
N ASP A 293 -47.93 -22.88 21.14
CA ASP A 293 -48.58 -21.59 21.47
C ASP A 293 -49.56 -21.15 20.37
N SER A 294 -50.29 -22.11 19.77
CA SER A 294 -51.34 -21.76 18.80
C SER A 294 -52.49 -21.22 19.61
N GLU A 295 -53.30 -20.38 18.97
CA GLU A 295 -54.45 -19.74 19.62
C GLU A 295 -55.54 -20.78 19.90
N HIS A 296 -56.38 -20.50 20.91
CA HIS A 296 -57.40 -21.42 21.43
C HIS A 296 -58.18 -22.14 20.31
N SER A 297 -58.07 -23.47 20.29
CA SER A 297 -58.81 -24.34 19.33
C SER A 297 -58.25 -24.37 17.88
N GLU A 298 -56.99 -23.97 17.74
CA GLU A 298 -56.21 -24.23 16.56
C GLU A 298 -55.20 -25.28 16.96
N THR A 299 -54.87 -26.17 16.03
CA THR A 299 -54.17 -27.39 16.33
C THR A 299 -53.55 -27.86 15.02
N ALA A 300 -52.30 -28.34 15.14
CA ALA A 300 -51.53 -28.94 14.06
C ALA A 300 -50.68 -30.02 14.66
N LYS A 301 -50.86 -31.25 14.20
CA LYS A 301 -50.05 -32.39 14.58
C LYS A 301 -49.54 -32.98 13.31
N THR A 302 -48.39 -33.60 13.40
CA THR A 302 -47.95 -34.51 12.39
C THR A 302 -46.89 -35.42 12.99
N SER A 303 -46.46 -36.42 12.21
CA SER A 303 -45.44 -37.34 12.65
C SER A 303 -44.74 -38.00 11.48
N VAL A 304 -43.53 -38.52 11.72
CA VAL A 304 -42.87 -39.32 10.71
C VAL A 304 -42.31 -40.55 11.39
N GLU A 305 -42.14 -41.60 10.61
CA GLU A 305 -41.56 -42.83 11.07
C GLU A 305 -40.04 -42.65 11.09
N ILE A 306 -39.40 -43.19 12.11
CA ILE A 306 -37.95 -43.37 12.16
C ILE A 306 -37.70 -44.88 12.07
N GLU A 307 -37.36 -45.33 10.88
CA GLU A 307 -37.04 -46.71 10.58
C GLU A 307 -35.89 -47.22 11.41
N LYS A 308 -34.83 -46.41 11.55
CA LYS A 308 -33.64 -46.78 12.35
C LYS A 308 -33.79 -46.37 13.81
N GLY A 309 -34.19 -47.33 14.63
CA GLY A 309 -34.76 -47.06 15.95
C GLY A 309 -33.85 -46.23 16.81
N LEU A 310 -34.42 -45.24 17.50
CA LEU A 310 -33.65 -44.42 18.46
C LEU A 310 -33.56 -45.08 19.82
N ASP A 311 -32.43 -44.87 20.51
CA ASP A 311 -32.26 -45.42 21.86
C ASP A 311 -33.06 -44.62 22.91
N ILE A 312 -34.36 -44.89 23.01
CA ILE A 312 -35.25 -44.22 23.98
C ILE A 312 -36.06 -45.33 24.70
N GLU A 313 -36.19 -45.26 26.02
CA GLU A 313 -37.11 -46.15 26.75
C GLU A 313 -38.52 -45.58 26.58
N LYS A 314 -38.80 -44.45 27.24
CA LYS A 314 -40.06 -43.70 27.07
C LYS A 314 -39.84 -42.27 26.52
N ALA A 315 -40.86 -41.78 25.84
CA ALA A 315 -40.84 -40.58 25.04
C ALA A 315 -40.10 -39.35 25.60
N PHE A 316 -39.15 -38.81 24.80
CA PHE A 316 -38.48 -37.56 25.06
C PHE A 316 -39.28 -36.41 24.44
N HIS A 317 -39.73 -35.48 25.28
CA HIS A 317 -40.44 -34.28 24.85
C HIS A 317 -39.57 -33.05 24.93
N LEU A 318 -39.64 -32.18 23.92
CA LEU A 318 -38.81 -30.99 23.85
C LEU A 318 -39.56 -29.88 23.13
N GLY A 319 -39.76 -28.73 23.82
CA GLY A 319 -40.30 -27.53 23.20
C GLY A 319 -39.18 -26.79 22.47
N VAL A 320 -39.43 -26.34 21.24
CA VAL A 320 -38.39 -25.74 20.39
C VAL A 320 -39.00 -24.61 19.66
N ASN A 321 -38.17 -23.64 19.28
CA ASN A 321 -38.63 -22.47 18.55
C ASN A 321 -38.53 -22.91 17.12
N ALA A 322 -39.65 -22.80 16.41
CA ALA A 322 -39.80 -23.32 15.05
C ALA A 322 -38.82 -22.70 14.04
N LYS A 323 -38.71 -21.38 14.06
CA LYS A 323 -37.86 -20.68 13.11
C LYS A 323 -36.39 -20.93 13.47
N PHE A 324 -36.01 -20.79 14.73
CA PHE A 324 -34.65 -21.21 15.15
C PHE A 324 -34.24 -22.63 14.67
N PHE A 325 -35.15 -23.58 14.76
CA PHE A 325 -34.83 -24.98 14.50
C PHE A 325 -34.65 -25.13 12.98
N LEU A 326 -35.53 -24.47 12.25
CA LEU A 326 -35.41 -24.41 10.80
C LEU A 326 -34.11 -23.87 10.34
N GLU A 327 -33.72 -22.74 10.90
CA GLU A 327 -32.46 -22.09 10.44
C GLU A 327 -31.23 -22.90 10.86
N ALA A 328 -31.31 -23.55 12.02
CA ALA A 328 -30.25 -24.49 12.38
C ALA A 328 -30.15 -25.65 11.35
N LEU A 329 -31.29 -26.17 10.87
CA LEU A 329 -31.28 -27.23 9.83
C LEU A 329 -30.87 -26.67 8.45
N ASN A 330 -31.29 -25.47 8.16
CA ASN A 330 -30.83 -24.84 6.92
C ASN A 330 -29.30 -24.63 6.91
N ALA A 331 -28.69 -24.35 8.06
CA ALA A 331 -27.23 -24.21 8.13
C ALA A 331 -26.40 -25.48 7.91
N LEU A 332 -27.04 -26.66 7.79
CA LEU A 332 -26.41 -27.98 7.51
C LEU A 332 -26.44 -28.47 6.06
N GLY A 333 -25.35 -29.14 5.65
CA GLY A 333 -25.14 -29.65 4.28
C GLY A 333 -25.34 -31.19 4.12
N THR A 334 -25.76 -31.88 5.17
CA THR A 334 -25.95 -33.32 5.12
C THR A 334 -27.43 -33.59 5.12
N THR A 335 -27.80 -34.76 4.60
CA THR A 335 -29.19 -35.17 4.49
C THR A 335 -29.74 -35.59 5.85
N GLN A 336 -28.86 -35.91 6.78
CA GLN A 336 -29.30 -36.25 8.12
C GLN A 336 -28.69 -35.23 9.07
N PHE A 337 -29.19 -35.18 10.27
CA PHE A 337 -28.63 -34.34 11.28
C PHE A 337 -28.65 -35.01 12.62
N VAL A 338 -27.81 -34.54 13.53
CA VAL A 338 -27.77 -35.07 14.86
C VAL A 338 -28.31 -34.05 15.85
N LEU A 339 -29.21 -34.52 16.71
CA LEU A 339 -29.80 -33.76 17.78
C LEU A 339 -29.27 -34.27 19.12
N ARG A 340 -28.47 -33.45 19.79
CA ARG A 340 -27.85 -33.86 21.05
C ARG A 340 -28.55 -33.15 22.21
N CYS A 341 -29.05 -33.92 23.18
CA CYS A 341 -29.91 -33.42 24.23
C CYS A 341 -29.46 -33.85 25.64
N ASN A 342 -29.72 -32.98 26.63
CA ASN A 342 -29.75 -33.34 28.05
C ASN A 342 -31.19 -33.28 28.63
N GLU A 343 -31.47 -32.38 29.59
CA GLU A 343 -32.82 -32.28 30.13
C GLU A 343 -33.61 -31.36 29.15
N PRO A 344 -34.91 -31.60 28.98
CA PRO A 344 -35.79 -30.77 28.14
C PRO A 344 -35.77 -29.26 28.43
N SER A 345 -35.40 -28.87 29.66
CA SER A 345 -35.29 -27.46 30.09
C SER A 345 -33.92 -26.78 29.84
N SER A 346 -32.94 -27.58 29.38
CA SER A 346 -31.57 -27.10 29.12
C SER A 346 -31.10 -27.23 27.66
N PRO A 347 -30.13 -26.37 27.25
CA PRO A 347 -29.90 -26.19 25.81
C PRO A 347 -29.48 -27.46 25.09
N PHE A 348 -29.75 -27.53 23.78
CA PHE A 348 -29.48 -28.77 22.97
C PHE A 348 -28.78 -28.34 21.69
N LEU A 349 -28.28 -29.31 20.96
CA LEU A 349 -27.39 -29.03 19.85
C LEU A 349 -27.82 -29.70 18.58
N ILE A 350 -27.74 -28.93 17.50
CA ILE A 350 -28.03 -29.41 16.22
C ILE A 350 -26.73 -29.34 15.48
N GLN A 351 -26.36 -30.47 14.88
CA GLN A 351 -25.24 -30.45 14.00
C GLN A 351 -25.37 -31.50 12.88
N GLU A 352 -24.45 -31.43 11.92
CA GLU A 352 -24.44 -32.39 10.81
C GLU A 352 -24.22 -33.81 11.35
N SER A 353 -24.64 -34.82 10.61
CA SER A 353 -24.20 -36.19 10.86
C SER A 353 -22.75 -36.22 10.41
N LEU A 354 -21.90 -37.03 11.04
CA LEU A 354 -20.44 -37.06 10.74
C LEU A 354 -19.75 -35.68 10.78
N ASP A 355 -20.04 -34.88 11.80
CA ASP A 355 -19.52 -33.50 11.95
C ASP A 355 -18.00 -33.47 12.23
N GLU A 356 -17.52 -34.45 12.99
CA GLU A 356 -16.06 -34.68 13.15
C GLU A 356 -15.26 -34.88 11.79
N LYS A 357 -15.95 -35.03 10.65
CA LYS A 357 -15.41 -34.79 9.28
C LYS A 357 -15.06 -36.09 8.58
N LEU A 361 -13.38 -27.71 1.29
CA LEU A 361 -14.34 -27.09 0.38
C LEU A 361 -15.45 -26.31 1.12
N ASN A 362 -16.02 -26.88 2.20
CA ASN A 362 -17.13 -26.24 2.98
C ASN A 362 -16.96 -26.14 4.50
N ALA A 363 -17.89 -25.45 5.14
CA ALA A 363 -17.91 -25.32 6.60
C ALA A 363 -19.09 -26.10 7.16
N LYS A 364 -18.95 -26.63 8.38
CA LYS A 364 -20.01 -27.35 9.08
C LYS A 364 -20.32 -26.60 10.36
N ILE A 365 -21.54 -26.14 10.45
CA ILE A 365 -21.95 -25.25 11.48
C ILE A 365 -22.83 -26.07 12.40
N SER A 366 -22.62 -25.90 13.68
CA SER A 366 -23.47 -26.48 14.71
C SER A 366 -24.24 -25.34 15.40
N THR A 367 -25.43 -25.63 15.89
CA THR A 367 -26.20 -24.64 16.59
C THR A 367 -26.71 -25.17 17.90
N LEU A 368 -26.55 -24.32 18.92
CA LEU A 368 -27.02 -24.59 20.26
C LEU A 368 -28.12 -23.63 20.57
N MET A 369 -29.20 -24.16 21.11
CA MET A 369 -30.43 -23.42 21.30
C MET A 369 -31.01 -23.69 22.68
N MET A 370 -31.64 -22.67 23.27
CA MET A 370 -32.34 -22.80 24.52
C MET A 370 -33.75 -23.34 24.21
N PRO A 371 -34.19 -24.42 24.89
CA PRO A 371 -35.55 -24.89 24.62
C PRO A 371 -36.65 -24.01 25.20
N ILE A 372 -37.88 -24.42 24.87
CA ILE A 372 -39.06 -23.81 25.39
C ILE A 372 -39.63 -24.76 26.46
N THR A 373 -40.14 -24.13 27.53
CA THR A 373 -40.69 -24.77 28.75
C THR A 373 -42.04 -25.48 28.53
N LEU A 374 -42.39 -26.40 29.45
CA LEU A 374 -43.65 -27.20 29.42
C LEU A 374 -43.82 -27.94 28.08
N MET B 1 9.27 -13.95 17.81
CA MET B 1 10.05 -14.09 16.57
C MET B 1 11.22 -15.10 16.66
N LYS B 2 11.32 -15.93 15.65
CA LYS B 2 12.41 -16.88 15.55
C LYS B 2 12.64 -17.25 14.08
N ILE B 3 13.85 -16.97 13.58
CA ILE B 3 14.29 -17.30 12.24
C ILE B 3 15.80 -17.50 12.14
N SER B 4 16.26 -18.12 11.06
CA SER B 4 17.68 -18.06 10.74
C SER B 4 17.86 -17.33 9.41
N VAL B 5 18.97 -16.60 9.28
CA VAL B 5 19.27 -15.81 8.07
C VAL B 5 20.71 -15.96 7.67
N SER B 6 21.00 -15.50 6.47
CA SER B 6 22.34 -15.39 5.96
C SER B 6 23.04 -14.14 6.50
N LYS B 7 24.27 -14.31 6.91
CA LYS B 7 25.08 -13.24 7.43
C LYS B 7 25.38 -12.17 6.38
N ASN B 8 25.83 -12.56 5.19
CA ASN B 8 26.09 -11.57 4.12
C ASN B 8 24.87 -10.71 3.80
N ASP B 9 23.69 -11.32 3.71
CA ASP B 9 22.46 -10.59 3.41
C ASP B 9 22.07 -9.65 4.57
N LEU B 10 22.32 -10.12 5.79
CA LEU B 10 21.85 -9.42 6.98
C LEU B 10 22.74 -8.20 7.08
N GLU B 11 24.05 -8.44 7.02
CA GLU B 11 25.03 -7.37 7.02
C GLU B 11 24.75 -6.29 6.00
N ASN B 12 24.58 -6.70 4.75
CA ASN B 12 24.36 -5.74 3.67
C ASN B 12 23.13 -4.92 3.94
N ALA B 13 22.05 -5.61 4.29
CA ALA B 13 20.85 -4.91 4.62
C ALA B 13 21.12 -3.89 5.76
N LEU B 14 21.92 -4.28 6.76
CA LEU B 14 22.18 -3.39 7.89
C LEU B 14 23.00 -2.15 7.55
N ARG B 15 24.05 -2.32 6.74
CA ARG B 15 24.86 -1.16 6.25
C ARG B 15 23.99 -0.07 5.68
N TYR B 16 22.99 -0.42 4.87
CA TYR B 16 22.17 0.62 4.19
C TYR B 16 21.26 1.36 5.17
N LEU B 17 20.90 0.69 6.26
CA LEU B 17 20.01 1.29 7.24
C LEU B 17 20.72 2.24 8.12
N GLN B 18 22.03 2.13 8.24
CA GLN B 18 22.75 3.00 9.18
C GLN B 18 22.42 4.49 9.01
N ALA B 19 22.31 4.92 7.78
CA ALA B 19 22.18 6.34 7.49
C ALA B 19 20.85 6.93 7.89
N PHE B 20 19.86 6.06 8.11
CA PHE B 20 18.52 6.49 8.57
C PHE B 20 18.33 6.49 10.08
N LEU B 21 19.39 6.19 10.84
CA LEU B 21 19.34 6.16 12.29
C LEU B 21 20.00 7.37 12.89
N ASP B 22 19.32 8.00 13.85
CA ASP B 22 19.96 8.88 14.85
C ASP B 22 20.69 7.99 15.85
N LYS B 23 22.01 7.82 15.62
CA LYS B 23 22.82 6.83 16.37
C LYS B 23 23.37 7.31 17.68
N LYS B 24 23.31 8.61 17.94
CA LYS B 24 24.01 9.16 19.09
C LYS B 24 23.34 8.78 20.41
N ASP B 25 22.03 8.98 20.49
CA ASP B 25 21.21 8.55 21.64
C ASP B 25 20.72 7.13 21.47
N ALA B 26 21.47 6.17 21.99
CA ALA B 26 21.12 4.74 21.88
C ALA B 26 19.91 4.32 22.75
N SER B 27 19.48 5.22 23.64
CA SER B 27 18.28 5.01 24.44
C SER B 27 17.00 5.52 23.71
N SER B 28 17.12 6.29 22.60
CA SER B 28 15.98 6.62 21.73
C SER B 28 15.63 5.55 20.72
N ILE B 29 14.32 5.33 20.51
CA ILE B 29 13.87 4.44 19.43
C ILE B 29 14.32 4.91 18.02
N ALA B 30 14.67 6.17 17.89
CA ALA B 30 15.29 6.67 16.66
C ALA B 30 16.64 6.01 16.33
N SER B 31 17.34 5.39 17.32
CA SER B 31 18.52 4.56 17.07
C SER B 31 18.29 3.05 16.70
N HIS B 32 17.04 2.62 16.66
CA HIS B 32 16.73 1.22 16.49
C HIS B 32 16.21 0.89 15.11
N ILE B 33 16.42 -0.36 14.71
CA ILE B 33 15.87 -0.94 13.47
C ILE B 33 14.62 -1.79 13.81
N HIS B 34 13.54 -1.61 13.04
CA HIS B 34 12.27 -2.34 13.26
C HIS B 34 12.35 -3.58 12.47
N LEU B 35 12.11 -4.72 13.13
CA LEU B 35 12.15 -6.04 12.50
C LEU B 35 10.74 -6.68 12.47
N GLU B 36 10.47 -7.52 11.48
CA GLU B 36 9.19 -8.22 11.37
C GLU B 36 9.42 -9.42 10.48
N VAL B 37 9.05 -10.59 10.94
CA VAL B 37 9.09 -11.77 10.11
C VAL B 37 7.67 -12.04 9.63
N ILE B 38 7.39 -11.80 8.35
CA ILE B 38 6.18 -12.39 7.77
C ILE B 38 6.57 -13.34 6.64
N LYS B 39 5.91 -14.50 6.67
CA LYS B 39 6.19 -15.66 5.85
C LYS B 39 7.69 -15.96 5.82
N GLU B 40 8.30 -16.08 4.65
CA GLU B 40 9.69 -16.45 4.57
C GLU B 40 10.58 -15.19 4.39
N LYS B 41 10.16 -14.05 4.96
CA LYS B 41 10.92 -12.82 4.90
C LYS B 41 11.09 -12.09 6.25
N LEU B 42 12.24 -11.47 6.40
CA LEU B 42 12.50 -10.55 7.46
C LEU B 42 12.54 -9.18 6.87
N PHE B 43 11.67 -8.30 7.33
CA PHE B 43 11.64 -6.90 6.97
C PHE B 43 12.32 -6.05 8.05
N LEU B 44 13.14 -5.11 7.59
CA LEU B 44 13.99 -4.27 8.40
C LEU B 44 13.63 -2.88 7.96
N LYS B 45 13.53 -1.96 8.90
CA LYS B 45 12.96 -0.66 8.61
C LYS B 45 13.45 0.36 9.64
N ALA B 46 13.85 1.52 9.14
CA ALA B 46 14.34 2.61 9.98
C ALA B 46 13.84 3.89 9.37
N SER B 47 13.37 4.80 10.20
CA SER B 47 12.58 5.86 9.71
C SER B 47 12.38 6.95 10.77
N ASP B 48 11.78 8.05 10.35
CA ASP B 48 11.21 9.02 11.27
C ASP B 48 10.14 9.74 10.46
N SER B 49 9.49 10.74 11.04
CA SER B 49 8.46 11.47 10.28
C SER B 49 8.95 12.05 8.94
N ASP B 50 10.27 12.10 8.74
CA ASP B 50 10.92 12.84 7.65
C ASP B 50 11.60 12.03 6.54
N ILE B 51 12.12 10.84 6.85
CA ILE B 51 12.76 10.01 5.85
C ILE B 51 12.80 8.58 6.33
N GLY B 52 12.88 7.58 5.41
CA GLY B 52 12.83 6.20 5.87
C GLY B 52 13.24 5.21 4.82
N LEU B 53 13.64 4.04 5.29
CA LEU B 53 13.97 2.93 4.43
C LEU B 53 13.38 1.69 5.02
N LYS B 54 12.80 0.87 4.14
CA LYS B 54 12.30 -0.45 4.44
C LYS B 54 12.95 -1.42 3.43
N SER B 55 13.57 -2.47 3.94
CA SER B 55 14.18 -3.52 3.18
C SER B 55 13.64 -4.84 3.73
N TYR B 56 13.96 -5.93 3.04
CA TYR B 56 13.60 -7.24 3.47
C TYR B 56 14.75 -8.13 3.09
N ILE B 57 14.86 -9.26 3.76
CA ILE B 57 15.67 -10.36 3.29
C ILE B 57 14.86 -11.63 3.52
N PHE B 58 15.33 -12.72 2.92
CA PHE B 58 14.66 -13.99 2.89
C PHE B 58 15.29 -14.87 3.94
N THR B 59 14.52 -15.81 4.48
CA THR B 59 14.99 -16.66 5.57
C THR B 59 15.32 -18.03 5.06
N GLN B 60 16.30 -18.68 5.71
CA GLN B 60 16.65 -20.08 5.46
C GLN B 60 15.60 -21.00 6.10
N SER B 61 15.07 -20.54 7.22
CA SER B 61 13.96 -21.17 7.92
C SER B 61 13.24 -20.11 8.74
N SER B 62 12.03 -20.44 9.17
CA SER B 62 11.22 -19.45 9.86
C SER B 62 10.28 -20.20 10.75
N ASP B 63 10.76 -20.47 11.94
CA ASP B 63 9.99 -21.19 12.93
C ASP B 63 8.84 -20.34 13.53
N LYS B 64 8.99 -19.00 13.54
CA LYS B 64 8.05 -18.16 14.33
C LYS B 64 8.06 -16.72 13.89
N GLU B 65 6.87 -16.22 13.61
CA GLU B 65 6.64 -14.86 13.11
C GLU B 65 6.34 -13.89 14.23
N GLY B 66 6.62 -12.61 14.00
CA GLY B 66 6.45 -11.59 15.01
C GLY B 66 7.25 -10.33 14.68
N VAL B 67 7.19 -9.37 15.61
CA VAL B 67 7.89 -8.08 15.53
C VAL B 67 8.84 -7.90 16.67
N GLY B 68 9.76 -6.97 16.51
CA GLY B 68 10.88 -6.71 17.44
C GLY B 68 11.58 -5.35 17.11
N THR B 69 12.56 -4.96 17.92
CA THR B 69 13.43 -3.82 17.57
C THR B 69 14.80 -4.06 18.10
N ILE B 70 15.75 -3.29 17.59
CA ILE B 70 17.12 -3.45 17.99
C ILE B 70 17.91 -2.24 17.61
N ASN B 71 18.89 -1.89 18.42
CA ASN B 71 19.84 -0.80 18.12
C ASN B 71 20.61 -1.11 16.86
N GLY B 72 20.55 -0.19 15.91
CA GLY B 72 21.10 -0.42 14.57
C GLY B 72 22.60 -0.56 14.48
N LYS B 73 23.33 0.31 15.18
CA LYS B 73 24.81 0.34 15.16
C LYS B 73 25.38 -0.93 15.76
N LYS B 74 24.93 -1.22 16.98
CA LYS B 74 25.30 -2.49 17.67
C LYS B 74 25.04 -3.75 16.85
N PHE B 75 23.87 -3.81 16.23
CA PHE B 75 23.43 -4.95 15.52
C PHE B 75 24.37 -5.12 14.36
N LEU B 76 24.67 -4.04 13.63
CA LEU B 76 25.66 -4.10 12.57
C LEU B 76 27.07 -4.41 13.12
N ASP B 77 27.45 -3.78 14.25
CA ASP B 77 28.76 -4.11 14.80
C ASP B 77 28.88 -5.59 15.12
N ILE B 78 27.82 -6.19 15.66
CA ILE B 78 27.88 -7.61 16.02
C ILE B 78 27.94 -8.49 14.78
N ILE B 79 27.08 -8.21 13.81
CA ILE B 79 26.96 -9.04 12.61
C ILE B 79 28.26 -8.97 11.76
N SER B 80 28.79 -7.78 11.54
CA SER B 80 30.05 -7.65 10.81
C SER B 80 31.25 -8.42 11.42
N CYS B 81 31.20 -8.71 12.73
CA CYS B 81 32.27 -9.49 13.43
C CYS B 81 32.09 -11.03 13.41
N LEU B 82 31.05 -11.55 12.76
CA LEU B 82 30.74 -12.97 12.86
C LEU B 82 31.31 -13.75 11.70
N LYS B 83 31.14 -15.05 11.74
CA LYS B 83 31.55 -15.91 10.64
C LYS B 83 30.54 -15.79 9.50
N ASP B 84 30.86 -16.48 8.40
CA ASP B 84 30.07 -16.51 7.19
C ASP B 84 29.25 -17.78 7.24
N SER B 85 28.27 -17.78 8.14
CA SER B 85 27.32 -18.90 8.36
C SER B 85 25.96 -18.32 8.77
N ASN B 86 25.00 -19.17 9.08
CA ASN B 86 23.67 -18.69 9.48
C ASN B 86 23.65 -18.08 10.86
N ILE B 87 22.89 -17.00 10.98
CA ILE B 87 22.65 -16.33 12.20
C ILE B 87 21.23 -16.69 12.62
N ILE B 88 21.09 -17.28 13.80
CA ILE B 88 19.77 -17.46 14.41
C ILE B 88 19.44 -16.15 15.14
N LEU B 89 18.29 -15.55 14.79
CA LEU B 89 17.73 -14.38 15.46
C LEU B 89 16.47 -14.86 16.11
N GLU B 90 16.25 -14.42 17.35
CA GLU B 90 15.21 -15.01 18.18
C GLU B 90 14.91 -14.12 19.39
N THR B 91 13.65 -13.75 19.59
CA THR B 91 13.26 -12.86 20.69
C THR B 91 13.16 -13.65 21.99
N LYS B 92 13.67 -13.09 23.09
CA LYS B 92 13.50 -13.64 24.44
C LYS B 92 12.86 -12.53 25.25
N ASP B 93 11.55 -12.54 25.33
CA ASP B 93 10.73 -11.51 26.01
C ASP B 93 10.98 -10.08 25.49
N ASP B 94 11.78 -9.28 26.19
CA ASP B 94 12.02 -7.90 25.75
C ASP B 94 13.48 -7.75 25.27
N SER B 95 14.04 -8.84 24.78
CA SER B 95 15.39 -8.88 24.37
C SER B 95 15.50 -9.64 23.02
N LEU B 96 16.46 -9.28 22.18
CA LEU B 96 16.73 -10.03 20.94
C LEU B 96 17.98 -10.88 21.08
N ALA B 97 17.83 -12.18 20.94
CA ALA B 97 18.98 -13.08 20.97
C ALA B 97 19.50 -13.13 19.58
N ILE B 98 20.82 -13.03 19.41
CA ILE B 98 21.50 -13.37 18.17
C ILE B 98 22.39 -14.55 18.47
N LYS B 99 22.44 -15.54 17.57
CA LYS B 99 23.25 -16.73 17.80
C LYS B 99 23.85 -17.30 16.52
N GLN B 100 25.11 -17.66 16.63
CA GLN B 100 25.84 -18.27 15.56
C GLN B 100 26.83 -19.17 16.21
N ASN B 101 26.43 -20.43 16.31
CA ASN B 101 27.32 -21.51 16.60
C ASN B 101 27.81 -21.43 18.04
N LYS B 102 29.07 -21.10 18.31
CA LYS B 102 29.55 -20.86 19.69
C LYS B 102 29.22 -19.44 20.24
N SER B 103 28.81 -18.49 19.39
CA SER B 103 28.59 -17.07 19.79
C SER B 103 27.13 -16.75 20.17
N SER B 104 26.92 -15.83 21.11
CA SER B 104 25.61 -15.63 21.68
C SER B 104 25.43 -14.18 22.17
N PHE B 105 24.42 -13.48 21.66
CA PHE B 105 24.22 -12.12 22.06
C PHE B 105 22.80 -11.92 22.45
N LYS B 106 22.63 -10.98 23.39
CA LYS B 106 21.35 -10.48 23.82
C LYS B 106 21.40 -8.96 23.75
N LEU B 107 20.37 -8.36 23.17
CA LEU B 107 20.21 -6.91 23.06
C LEU B 107 18.76 -6.49 23.41
N PRO B 108 18.61 -5.37 24.10
CA PRO B 108 17.27 -4.98 24.51
C PRO B 108 16.46 -4.35 23.36
N MET B 109 15.18 -4.71 23.26
CA MET B 109 14.29 -4.12 22.27
C MET B 109 13.40 -3.01 22.93
N PHE B 110 12.83 -2.12 22.13
CA PHE B 110 11.86 -1.16 22.63
C PHE B 110 10.51 -1.62 22.11
N ASP B 111 9.49 -0.87 22.48
CA ASP B 111 8.12 -1.17 22.06
C ASP B 111 7.92 -0.87 20.55
N ALA B 112 7.70 -1.93 19.76
CA ALA B 112 7.46 -1.81 18.31
C ALA B 112 6.31 -0.88 17.92
N ASP B 113 5.35 -0.69 18.82
CA ASP B 113 4.28 0.32 18.68
C ASP B 113 4.71 1.77 18.61
N GLU B 114 5.92 2.07 19.10
CA GLU B 114 6.42 3.45 19.12
C GLU B 114 7.06 3.80 17.77
N PHE B 115 7.42 2.76 17.02
CA PHE B 115 8.14 2.91 15.75
C PHE B 115 7.26 3.66 14.79
N PRO B 116 7.75 4.72 14.16
CA PRO B 116 6.80 5.47 13.33
C PRO B 116 6.25 4.68 12.11
N GLU B 117 5.01 4.95 11.73
CA GLU B 117 4.34 4.20 10.67
C GLU B 117 4.94 4.61 9.29
N PHE B 118 5.19 3.60 8.45
CA PHE B 118 5.72 3.81 7.10
C PHE B 118 4.62 4.28 6.13
N PRO B 119 4.71 5.51 5.61
CA PRO B 119 3.56 6.10 4.94
C PRO B 119 3.29 5.45 3.60
N VAL B 120 2.03 5.45 3.20
CA VAL B 120 1.63 5.07 1.84
C VAL B 120 1.03 6.29 1.20
N ILE B 121 1.19 6.41 -0.10
CA ILE B 121 0.64 7.57 -0.75
C ILE B 121 -0.34 7.20 -1.83
N ASP B 122 -1.15 8.19 -2.15
CA ASP B 122 -1.99 8.19 -3.34
C ASP B 122 -1.19 9.09 -4.23
N PRO B 123 -0.47 8.53 -5.20
CA PRO B 123 0.37 9.41 -6.00
C PRO B 123 -0.43 10.44 -6.86
N LYS B 124 0.02 11.69 -6.90
CA LYS B 124 -0.34 12.67 -7.93
C LYS B 124 0.52 12.44 -9.17
N VAL B 125 1.71 11.86 -9.00
CA VAL B 125 2.65 11.73 -10.07
C VAL B 125 3.43 10.48 -9.84
N SER B 126 3.82 9.82 -10.91
CA SER B 126 4.44 8.56 -10.81
C SER B 126 5.24 8.36 -12.07
N ILE B 127 6.43 7.78 -11.93
CA ILE B 127 7.22 7.34 -13.08
C ILE B 127 7.98 6.09 -12.77
N GLU B 128 8.33 5.41 -13.85
CA GLU B 128 9.09 4.21 -13.85
C GLU B 128 10.36 4.65 -14.53
N VAL B 129 11.49 4.40 -13.88
CA VAL B 129 12.81 4.82 -14.36
C VAL B 129 13.55 3.54 -14.62
N ASN B 130 13.85 3.31 -15.89
CA ASN B 130 14.42 2.07 -16.38
C ASN B 130 15.75 2.35 -17.05
N ALA B 131 16.38 3.45 -16.64
CA ALA B 131 17.71 3.82 -17.12
C ALA B 131 18.37 4.76 -16.12
N PRO B 132 19.71 4.90 -16.17
CA PRO B 132 20.45 5.70 -15.18
C PRO B 132 20.29 7.21 -15.24
N PHE B 133 19.63 7.73 -16.22
CA PHE B 133 19.63 9.17 -16.43
C PHE B 133 19.22 10.00 -15.19
N LEU B 134 18.30 9.55 -14.37
CA LEU B 134 17.82 10.43 -13.30
C LEU B 134 18.85 10.50 -12.22
N VAL B 135 19.37 9.35 -11.83
CA VAL B 135 20.33 9.38 -10.76
C VAL B 135 21.63 10.07 -11.26
N ASP B 136 21.99 9.82 -12.53
CA ASP B 136 23.06 10.60 -13.21
C ASP B 136 22.76 12.10 -13.04
N ALA B 137 21.53 12.50 -13.19
CA ALA B 137 21.17 13.94 -13.02
C ALA B 137 21.36 14.45 -11.60
N PHE B 138 20.92 13.64 -10.65
CA PHE B 138 21.11 13.90 -9.21
C PHE B 138 22.55 14.05 -8.81
N LYS B 139 23.39 13.11 -9.25
CA LYS B 139 24.77 13.08 -8.88
C LYS B 139 25.52 14.28 -9.40
N LYS B 140 25.16 14.75 -10.58
CA LYS B 140 25.94 15.84 -11.20
C LYS B 140 25.54 17.21 -10.66
N ILE B 141 24.29 17.33 -10.26
CA ILE B 141 23.73 18.58 -9.74
C ILE B 141 23.98 18.72 -8.25
N ALA B 142 24.00 17.63 -7.51
CA ALA B 142 24.14 17.67 -6.05
C ALA B 142 25.19 18.65 -5.54
N PRO B 143 26.36 18.69 -6.21
CA PRO B 143 27.39 19.58 -5.68
C PRO B 143 27.00 21.07 -5.55
N VAL B 144 26.00 21.56 -6.28
CA VAL B 144 25.67 22.94 -6.23
C VAL B 144 24.71 23.24 -5.13
N ILE B 145 24.08 22.21 -4.57
CA ILE B 145 23.04 22.40 -3.57
C ILE B 145 23.62 22.52 -2.19
N GLU B 146 23.36 23.65 -1.49
CA GLU B 146 23.82 23.84 -0.06
C GLU B 146 22.72 23.36 0.92
N GLN B 147 23.06 22.42 1.82
CA GLN B 147 22.13 21.95 2.89
C GLN B 147 21.97 22.94 4.08
N GLU B 153 13.86 26.23 0.31
CA GLU B 153 13.62 25.53 -0.98
C GLU B 153 14.86 25.30 -1.85
N LEU B 154 15.88 26.12 -1.69
CA LEU B 154 17.14 25.92 -2.40
C LEU B 154 17.96 24.84 -1.74
N ALA B 155 17.54 24.44 -0.57
CA ALA B 155 18.21 23.42 0.15
C ALA B 155 17.82 22.07 -0.46
N GLY B 156 17.08 22.06 -1.58
CA GLY B 156 16.89 20.84 -2.33
C GLY B 156 16.97 20.89 -3.85
N ILE B 157 16.83 19.70 -4.41
CA ILE B 157 16.82 19.50 -5.85
C ILE B 157 15.39 19.63 -6.30
N LEU B 158 15.18 20.34 -7.40
CA LEU B 158 13.88 20.41 -8.04
C LEU B 158 13.68 19.32 -9.13
N MET B 159 12.58 18.59 -9.04
CA MET B 159 12.10 17.75 -10.10
C MET B 159 10.80 18.36 -10.58
N GLN B 160 10.77 18.85 -11.81
CA GLN B 160 9.60 19.47 -12.41
C GLN B 160 9.08 18.60 -13.56
N PHE B 161 7.89 18.05 -13.37
CA PHE B 161 7.18 17.19 -14.31
C PHE B 161 6.18 17.98 -15.14
N ASP B 162 6.32 17.92 -16.45
CA ASP B 162 5.29 18.40 -17.36
C ASP B 162 4.78 17.18 -18.15
N GLN B 163 3.59 16.71 -17.77
CA GLN B 163 2.97 15.55 -18.41
C GLN B 163 2.70 15.91 -19.85
N LYS B 164 2.16 17.11 -20.07
CA LYS B 164 1.80 17.53 -21.42
C LYS B 164 2.92 17.14 -22.40
N HIS B 165 4.15 17.53 -22.05
CA HIS B 165 5.31 17.41 -22.91
C HIS B 165 6.25 16.27 -22.60
N GLN B 166 5.90 15.46 -21.59
CA GLN B 166 6.65 14.27 -21.23
C GLN B 166 8.09 14.64 -20.92
N THR B 167 8.25 15.71 -20.16
CA THR B 167 9.56 16.16 -19.77
C THR B 167 9.68 16.26 -18.29
N LEU B 168 10.81 15.77 -17.77
CA LEU B 168 11.18 16.01 -16.39
C LEU B 168 12.43 16.89 -16.34
N SER B 169 12.28 18.05 -15.67
CA SER B 169 13.39 18.99 -15.45
C SER B 169 13.93 18.80 -14.06
N VAL B 170 15.27 18.76 -13.97
CA VAL B 170 15.99 18.64 -12.70
C VAL B 170 16.89 19.85 -12.56
N VAL B 171 16.81 20.53 -11.42
CA VAL B 171 17.43 21.85 -11.25
C VAL B 171 17.91 22.03 -9.82
N GLY B 172 19.16 22.48 -9.69
CA GLY B 172 19.79 22.87 -8.44
C GLY B 172 20.39 24.25 -8.61
N THR B 173 20.47 24.97 -7.51
CA THR B 173 21.12 26.27 -7.47
C THR B 173 21.43 26.71 -6.06
N ASP B 174 22.52 27.48 -5.92
CA ASP B 174 22.78 28.33 -4.77
C ASP B 174 22.68 29.77 -5.33
N THR B 175 23.20 30.81 -4.67
CA THR B 175 22.96 32.17 -5.24
C THR B 175 23.70 32.36 -6.59
N LYS B 176 24.83 31.69 -6.69
CA LYS B 176 25.87 32.02 -7.61
C LYS B 176 25.89 31.14 -8.85
N ARG B 177 25.23 30.00 -8.77
CA ARG B 177 25.23 29.10 -9.93
C ARG B 177 23.98 28.27 -9.95
N LEU B 178 23.77 27.61 -11.09
CA LEU B 178 22.53 26.99 -11.38
C LEU B 178 22.82 25.89 -12.40
N SER B 179 22.55 24.65 -12.03
CA SER B 179 22.60 23.52 -12.96
C SER B 179 21.25 22.91 -13.15
N TYR B 180 20.99 22.52 -14.38
CA TYR B 180 19.78 21.88 -14.74
C TYR B 180 19.98 20.89 -15.90
N THR B 181 18.94 20.11 -16.13
CA THR B 181 18.90 19.25 -17.28
C THR B 181 17.45 19.07 -17.57
N GLN B 182 17.16 18.61 -18.76
CA GLN B 182 15.78 18.36 -19.20
C GLN B 182 15.80 16.98 -19.74
N LEU B 183 15.06 16.10 -19.10
CA LEU B 183 15.01 14.74 -19.52
C LEU B 183 13.73 14.67 -20.36
N GLU B 184 13.88 14.46 -21.65
CA GLU B 184 12.74 14.45 -22.57
C GLU B 184 12.31 13.01 -22.77
N LYS B 185 11.14 12.85 -23.39
CA LYS B 185 10.60 11.54 -23.81
C LYS B 185 10.40 10.55 -22.63
N ILE B 186 9.83 11.06 -21.52
CA ILE B 186 9.68 10.30 -20.26
C ILE B 186 8.23 9.98 -20.03
N SER B 187 7.97 8.73 -19.68
CA SER B 187 6.60 8.27 -19.49
C SER B 187 6.06 8.74 -18.13
N ILE B 188 5.54 9.96 -18.09
CA ILE B 188 5.01 10.60 -16.88
C ILE B 188 3.55 10.23 -16.77
N HIS B 189 3.22 9.50 -15.73
CA HIS B 189 1.85 9.33 -15.29
C HIS B 189 1.56 10.28 -14.15
N SER B 190 0.54 11.14 -14.35
CA SER B 190 0.24 12.22 -13.39
C SER B 190 -1.26 12.58 -13.37
N THR B 191 -1.75 13.08 -12.23
CA THR B 191 -3.12 13.69 -12.14
C THR B 191 -3.20 15.20 -12.37
N GLU B 192 -2.07 15.86 -12.68
CA GLU B 192 -2.10 17.20 -13.30
C GLU B 192 -1.10 17.22 -14.47
N GLU B 193 -1.16 18.30 -15.25
CA GLU B 193 -0.29 18.46 -16.44
C GLU B 193 1.09 19.00 -16.06
N ASP B 194 1.21 19.57 -14.86
CA ASP B 194 2.46 20.16 -14.40
C ASP B 194 2.54 20.15 -12.89
N ILE B 195 3.62 19.57 -12.36
CA ILE B 195 3.81 19.39 -10.92
C ILE B 195 5.31 19.34 -10.59
N SER B 196 5.64 19.94 -9.45
CA SER B 196 7.00 20.21 -9.04
C SER B 196 7.22 19.67 -7.63
N CYS B 197 8.23 18.81 -7.48
CA CYS B 197 8.63 18.24 -6.18
C CYS B 197 10.03 18.74 -5.81
N ILE B 198 10.28 19.01 -4.53
CA ILE B 198 11.59 19.44 -4.08
C ILE B 198 12.15 18.45 -3.11
N LEU B 199 13.16 17.68 -3.53
CA LEU B 199 13.74 16.64 -2.66
C LEU B 199 14.85 17.32 -1.85
N PRO B 200 14.83 17.22 -0.51
CA PRO B 200 15.99 17.63 0.32
C PRO B 200 17.33 17.02 -0.08
N LYS B 201 18.41 17.78 0.10
CA LYS B 201 19.78 17.30 -0.24
C LYS B 201 20.08 16.03 0.47
N ARG B 202 19.81 16.08 1.76
CA ARG B 202 19.86 14.91 2.64
C ARG B 202 19.28 13.64 1.92
N ALA B 203 18.07 13.73 1.35
CA ALA B 203 17.43 12.55 0.66
C ALA B 203 18.08 12.21 -0.69
N LEU B 204 18.40 13.24 -1.46
CA LEU B 204 19.20 13.15 -2.68
C LEU B 204 20.41 12.28 -2.48
N LEU B 205 21.16 12.58 -1.43
CA LEU B 205 22.36 11.79 -1.12
C LEU B 205 22.07 10.31 -0.83
N GLU B 206 21.03 10.10 -0.05
CA GLU B 206 20.63 8.74 0.25
C GLU B 206 20.18 7.97 -0.99
N ILE B 207 19.42 8.64 -1.86
CA ILE B 207 18.98 8.03 -3.10
C ILE B 207 20.18 7.51 -3.91
N LEU B 208 21.22 8.32 -4.03
CA LEU B 208 22.44 7.90 -4.74
C LEU B 208 23.05 6.62 -4.22
N LYS B 209 22.96 6.38 -2.90
CA LYS B 209 23.51 5.14 -2.34
C LYS B 209 22.64 3.94 -2.60
N LEU B 210 21.37 4.16 -2.93
CA LEU B 210 20.40 3.07 -2.94
C LEU B 210 19.93 2.62 -4.28
N PHE B 211 19.77 3.55 -5.21
CA PHE B 211 19.09 3.34 -6.47
C PHE B 211 19.92 3.69 -7.71
N TYR B 212 19.59 3.08 -8.82
CA TYR B 212 20.33 3.36 -10.03
C TYR B 212 19.40 3.35 -11.24
N GLU B 213 18.84 2.18 -11.55
CA GLU B 213 17.79 2.04 -12.54
C GLU B 213 16.85 0.92 -12.12
N ASN B 214 15.70 0.85 -12.77
CA ASN B 214 14.63 -0.10 -12.41
C ASN B 214 14.12 0.22 -11.00
N PHE B 215 13.58 1.42 -10.88
CA PHE B 215 12.86 1.81 -9.67
C PHE B 215 11.69 2.69 -10.08
N SER B 216 10.68 2.80 -9.20
CA SER B 216 9.60 3.75 -9.40
C SER B 216 9.75 4.94 -8.48
N PHE B 217 9.34 6.09 -8.97
CA PHE B 217 9.33 7.30 -8.17
C PHE B 217 7.92 7.75 -8.14
N LYS B 218 7.36 7.85 -6.96
CA LYS B 218 5.97 8.36 -6.79
C LYS B 218 6.00 9.49 -5.83
N SER B 219 5.06 10.40 -6.01
CA SER B 219 4.83 11.47 -5.06
C SER B 219 3.39 11.91 -5.10
N ASP B 220 3.00 12.43 -3.94
CA ASP B 220 1.67 12.95 -3.70
C ASP B 220 1.77 14.43 -3.45
N GLY B 221 2.88 15.05 -3.83
CA GLY B 221 3.04 16.48 -3.59
C GLY B 221 3.45 16.84 -2.17
N MET B 222 3.63 15.86 -1.27
CA MET B 222 4.12 16.09 0.09
C MET B 222 5.24 15.13 0.49
N LEU B 223 5.09 13.86 0.11
CA LEU B 223 6.12 12.86 0.25
C LEU B 223 6.53 12.32 -1.13
N ALA B 224 7.77 11.86 -1.23
CA ALA B 224 8.22 11.08 -2.37
C ALA B 224 8.49 9.69 -1.88
N VAL B 225 8.16 8.69 -2.68
CA VAL B 225 8.41 7.31 -2.37
C VAL B 225 9.14 6.70 -3.59
N ILE B 226 10.35 6.19 -3.35
CA ILE B 226 11.09 5.48 -4.32
C ILE B 226 11.14 4.03 -3.91
N GLU B 227 11.04 3.15 -4.89
CA GLU B 227 10.90 1.75 -4.67
C GLU B 227 11.56 0.88 -5.77
N ASN B 228 12.30 -0.16 -5.39
CA ASN B 228 12.66 -1.25 -6.32
C ASN B 228 12.38 -2.63 -5.69
N GLU B 229 12.93 -3.73 -6.22
CA GLU B 229 12.58 -5.07 -5.74
C GLU B 229 12.95 -5.21 -4.26
N MET B 230 14.14 -4.75 -3.88
CA MET B 230 14.61 -4.89 -2.48
C MET B 230 14.19 -3.74 -1.48
N HIS B 231 13.89 -2.52 -1.95
CA HIS B 231 13.71 -1.34 -1.07
C HIS B 231 12.53 -0.44 -1.31
N THR B 232 12.04 0.20 -0.23
CA THR B 232 11.15 1.30 -0.32
C THR B 232 11.72 2.38 0.56
N PHE B 233 11.89 3.57 -0.01
CA PHE B 233 12.52 4.71 0.61
C PHE B 233 11.51 5.80 0.49
N PHE B 234 11.42 6.66 1.48
CA PHE B 234 10.61 7.84 1.31
C PHE B 234 11.27 9.08 1.90
N THR B 235 10.84 10.25 1.46
CA THR B 235 11.26 11.45 2.10
C THR B 235 10.17 12.48 2.11
N LYS B 236 10.19 13.35 3.11
CA LYS B 236 9.35 14.56 3.08
C LYS B 236 9.92 15.46 2.01
N LEU B 237 9.03 16.19 1.37
CA LEU B 237 9.39 17.19 0.37
C LEU B 237 9.47 18.53 1.04
N ILE B 238 10.24 19.42 0.44
CA ILE B 238 10.37 20.75 0.97
C ILE B 238 9.23 21.53 0.35
N ASP B 239 8.29 21.98 1.18
CA ASP B 239 7.11 22.75 0.72
C ASP B 239 7.61 24.11 0.32
N GLY B 240 6.94 24.74 -0.63
CA GLY B 240 7.39 26.02 -1.16
C GLY B 240 7.41 26.05 -2.66
N ASN B 241 7.90 27.18 -3.17
CA ASN B 241 8.04 27.44 -4.59
C ASN B 241 9.52 27.59 -4.89
N TYR B 242 10.01 26.76 -5.82
CA TYR B 242 11.36 26.93 -6.38
C TYR B 242 11.22 28.14 -7.31
N PRO B 243 12.23 29.02 -7.34
CA PRO B 243 12.23 30.09 -8.36
C PRO B 243 12.17 29.57 -9.81
N ASP B 244 11.48 30.30 -10.67
CA ASP B 244 11.40 29.94 -12.09
C ASP B 244 12.79 30.04 -12.66
N TYR B 245 13.40 28.90 -12.97
CA TYR B 245 14.77 28.88 -13.47
C TYR B 245 14.82 29.47 -14.86
N GLN B 246 13.83 29.13 -15.69
CA GLN B 246 13.77 29.55 -17.09
C GLN B 246 13.85 31.09 -17.30
N LYS B 247 13.31 31.85 -16.35
CA LYS B 247 13.38 33.34 -16.33
C LYS B 247 14.80 33.90 -16.31
N ILE B 248 15.66 33.22 -15.57
CA ILE B 248 17.03 33.65 -15.27
C ILE B 248 18.00 33.38 -16.44
N LEU B 249 17.68 32.41 -17.28
CA LEU B 249 18.57 32.00 -18.35
C LEU B 249 18.63 33.10 -19.36
N PRO B 250 19.84 33.43 -19.81
CA PRO B 250 19.92 34.38 -20.92
C PRO B 250 19.18 33.85 -22.15
N LYS B 251 18.59 34.75 -22.93
CA LYS B 251 17.84 34.36 -24.12
C LYS B 251 18.79 33.87 -25.22
N GLU B 252 19.87 34.61 -25.48
CA GLU B 252 20.86 34.33 -26.51
C GLU B 252 22.26 34.55 -25.91
N TYR B 253 23.28 33.99 -26.54
CA TYR B 253 24.65 34.29 -26.15
C TYR B 253 25.39 34.80 -27.33
N ILE B 254 26.05 35.93 -27.12
CA ILE B 254 26.91 36.56 -28.13
C ILE B 254 27.97 35.59 -28.71
N SER B 255 28.66 34.90 -27.81
CA SER B 255 29.81 34.08 -28.19
C SER B 255 29.69 32.66 -27.66
N SER B 256 30.19 31.71 -28.46
CA SER B 256 30.09 30.31 -28.13
C SER B 256 31.35 29.56 -28.46
N PHE B 257 32.09 29.16 -27.42
CA PHE B 257 33.40 28.57 -27.63
C PHE B 257 33.42 27.10 -27.28
N THR B 258 33.96 26.31 -28.20
CA THR B 258 34.23 24.89 -27.97
C THR B 258 35.68 24.68 -27.49
N LEU B 259 35.82 24.10 -26.28
CA LEU B 259 37.10 24.03 -25.55
C LEU B 259 37.37 22.68 -24.88
N GLY B 260 38.62 22.43 -24.51
CA GLY B 260 39.08 21.19 -23.91
C GLY B 260 38.76 21.08 -22.43
N LYS B 261 37.90 20.14 -22.07
CA LYS B 261 37.47 19.95 -20.71
C LYS B 261 38.64 19.70 -19.79
N GLU B 262 39.39 18.66 -20.11
CA GLU B 262 40.49 18.20 -19.29
C GLU B 262 41.68 19.13 -19.26
N GLU B 263 41.99 19.81 -20.38
CA GLU B 263 43.00 20.85 -20.34
C GLU B 263 42.54 21.99 -19.43
N PHE B 264 41.26 22.32 -19.49
CA PHE B 264 40.74 23.43 -18.69
C PHE B 264 40.73 23.04 -17.21
N LYS B 265 40.32 21.82 -16.87
CA LYS B 265 40.40 21.36 -15.45
C LYS B 265 41.80 21.48 -14.84
N GLU B 266 42.77 20.87 -15.51
CA GLU B 266 44.18 20.95 -15.13
C GLU B 266 44.68 22.36 -14.95
N SER B 267 44.35 23.27 -15.87
CA SER B 267 44.91 24.62 -15.83
C SER B 267 44.26 25.42 -14.67
N ILE B 268 42.98 25.18 -14.50
CA ILE B 268 42.24 25.75 -13.38
C ILE B 268 42.71 25.22 -12.04
N LYS B 269 42.75 23.91 -11.85
CA LYS B 269 43.32 23.32 -10.59
C LYS B 269 44.68 23.90 -10.29
N LEU B 270 45.43 24.12 -11.33
CA LEU B 270 46.80 24.54 -11.18
C LEU B 270 46.90 25.96 -10.66
N CYS B 271 46.15 26.90 -11.26
CA CYS B 271 46.16 28.29 -10.75
C CYS B 271 45.48 28.41 -9.41
N SER B 272 44.53 27.55 -9.17
CA SER B 272 43.75 27.65 -7.99
C SER B 272 44.55 27.10 -6.83
N SER B 273 45.69 26.45 -7.08
CA SER B 273 46.61 26.16 -5.97
C SER B 273 46.97 27.45 -5.17
N LEU B 274 47.04 28.58 -5.86
CA LEU B 274 47.23 29.87 -5.21
C LEU B 274 46.01 30.83 -5.12
N SER B 275 44.83 30.46 -5.63
CA SER B 275 43.68 31.37 -5.52
C SER B 275 42.34 30.63 -5.63
N SER B 276 41.27 31.27 -5.18
CA SER B 276 39.91 30.74 -5.38
C SER B 276 39.31 31.22 -6.71
N THR B 277 39.90 32.26 -7.32
CA THR B 277 39.39 32.83 -8.54
C THR B 277 40.49 33.04 -9.56
N ILE B 278 40.12 32.91 -10.83
CA ILE B 278 41.05 32.90 -11.95
C ILE B 278 40.63 33.92 -13.02
N LYS B 279 41.59 34.51 -13.70
CA LYS B 279 41.37 35.28 -14.92
C LYS B 279 41.66 34.37 -16.13
N LEU B 280 40.62 34.21 -16.93
CA LEU B 280 40.62 33.48 -18.16
C LEU B 280 40.74 34.49 -19.32
N THR B 281 41.70 34.25 -20.18
CA THR B 281 41.84 35.04 -21.38
C THR B 281 41.78 34.08 -22.54
N LEU B 282 40.78 34.31 -23.37
CA LEU B 282 40.60 33.58 -24.59
C LEU B 282 41.13 34.42 -25.76
N GLU B 283 41.95 33.77 -26.59
CA GLU B 283 42.46 34.33 -27.85
C GLU B 283 42.19 33.33 -28.97
N LYS B 284 42.40 33.76 -30.21
CA LYS B 284 42.26 32.91 -31.41
C LYS B 284 42.76 31.50 -31.17
N ASN B 285 44.04 31.35 -30.87
CA ASN B 285 44.63 30.04 -30.67
C ASN B 285 45.22 29.81 -29.30
N ASN B 286 44.76 30.52 -28.28
CA ASN B 286 45.23 30.27 -26.92
C ASN B 286 44.23 30.64 -25.87
N ALA B 287 44.30 29.92 -24.77
CA ALA B 287 43.60 30.21 -23.57
C ALA B 287 44.68 30.43 -22.49
N LEU B 288 44.52 31.46 -21.67
CA LEU B 288 45.46 31.85 -20.63
C LEU B 288 44.73 31.89 -19.29
N PHE B 289 45.36 31.30 -18.28
CA PHE B 289 44.78 31.25 -16.96
C PHE B 289 45.77 31.97 -16.08
N GLU B 290 45.29 32.90 -15.25
CA GLU B 290 46.10 33.58 -14.24
C GLU B 290 45.37 33.58 -12.93
N SER B 291 46.07 33.34 -11.84
CA SER B 291 45.48 33.48 -10.48
C SER B 291 45.04 34.94 -10.30
N LEU B 292 43.87 35.12 -9.70
CA LEU B 292 43.21 36.40 -9.65
C LEU B 292 43.26 36.97 -8.24
N ASP B 293 42.59 36.33 -7.27
CA ASP B 293 42.59 36.87 -5.89
C ASP B 293 43.77 36.35 -5.04
N SER B 294 44.93 36.12 -5.66
CA SER B 294 46.10 35.63 -4.95
C SER B 294 46.71 36.78 -4.18
N GLU B 295 47.47 36.43 -3.14
CA GLU B 295 48.11 37.41 -2.25
C GLU B 295 49.10 38.29 -3.02
N HIS B 296 49.28 39.52 -2.53
CA HIS B 296 50.39 40.36 -2.97
C HIS B 296 51.62 39.45 -2.99
N SER B 297 52.30 39.40 -4.14
CA SER B 297 53.57 38.68 -4.27
C SER B 297 53.46 37.19 -4.71
N GLU B 298 52.24 36.65 -4.81
CA GLU B 298 52.01 35.28 -5.23
C GLU B 298 51.25 35.30 -6.56
N THR B 299 51.64 34.39 -7.47
CA THR B 299 51.23 34.44 -8.88
C THR B 299 51.29 33.02 -9.47
N ALA B 300 50.22 32.60 -10.16
CA ALA B 300 50.19 31.39 -11.01
C ALA B 300 49.65 31.77 -12.38
N LYS B 301 50.27 31.22 -13.41
CA LYS B 301 49.89 31.42 -14.80
C LYS B 301 50.17 30.14 -15.56
N THR B 302 49.28 29.86 -16.49
CA THR B 302 49.51 28.85 -17.47
C THR B 302 48.71 29.17 -18.74
N SER B 303 48.96 28.37 -19.77
CA SER B 303 48.18 28.53 -20.97
C SER B 303 48.15 27.24 -21.74
N VAL B 304 47.15 27.13 -22.61
CA VAL B 304 47.04 26.01 -23.44
C VAL B 304 46.78 26.52 -24.87
N GLU B 305 47.27 25.77 -25.85
CA GLU B 305 47.06 26.05 -27.23
C GLU B 305 45.64 25.62 -27.58
N ILE B 306 44.95 26.41 -28.40
CA ILE B 306 43.71 26.02 -29.04
C ILE B 306 43.99 25.86 -30.58
N GLU B 307 44.17 24.63 -31.00
CA GLU B 307 44.51 24.34 -32.39
C GLU B 307 43.45 24.74 -33.38
N LYS B 308 42.18 24.44 -33.09
CA LYS B 308 41.06 24.87 -33.94
C LYS B 308 40.55 26.26 -33.54
N GLY B 309 40.99 27.28 -34.26
CA GLY B 309 40.87 28.68 -33.79
C GLY B 309 39.47 29.09 -33.41
N LEU B 310 39.35 29.90 -32.36
CA LEU B 310 38.05 30.42 -31.95
C LEU B 310 37.71 31.68 -32.82
N ASP B 311 36.43 32.07 -32.88
CA ASP B 311 36.05 33.29 -33.59
C ASP B 311 36.08 34.49 -32.64
N ILE B 312 37.27 35.05 -32.43
CA ILE B 312 37.41 36.43 -31.95
C ILE B 312 38.55 37.16 -32.66
N GLU B 313 38.45 38.48 -32.77
CA GLU B 313 39.56 39.38 -33.08
C GLU B 313 40.09 39.89 -31.74
N LYS B 314 39.23 40.60 -31.02
CA LYS B 314 39.53 41.17 -29.70
C LYS B 314 39.53 40.07 -28.63
N ALA B 315 40.62 39.98 -27.86
CA ALA B 315 40.78 38.96 -26.81
C ALA B 315 39.76 39.06 -25.65
N PHE B 316 39.07 37.96 -25.38
CA PHE B 316 38.04 37.91 -24.37
C PHE B 316 38.63 37.51 -23.00
N HIS B 317 38.38 38.36 -21.99
CA HIS B 317 38.73 38.18 -20.59
C HIS B 317 37.50 37.91 -19.69
N LEU B 318 37.66 37.10 -18.65
CA LEU B 318 36.54 36.58 -17.88
C LEU B 318 37.04 36.07 -16.54
N GLY B 319 36.65 36.76 -15.46
CA GLY B 319 36.91 36.32 -14.08
C GLY B 319 35.93 35.21 -13.66
N VAL B 320 36.45 34.08 -13.17
CA VAL B 320 35.61 32.92 -12.80
C VAL B 320 36.00 32.45 -11.44
N ASN B 321 35.05 31.89 -10.73
CA ASN B 321 35.30 31.16 -9.52
C ASN B 321 35.78 29.75 -9.92
N ALA B 322 36.89 29.34 -9.33
CA ALA B 322 37.64 28.16 -9.84
C ALA B 322 36.91 26.83 -9.63
N LYS B 323 36.43 26.66 -8.40
CA LYS B 323 35.71 25.49 -7.98
C LYS B 323 34.37 25.33 -8.75
N PHE B 324 33.68 26.43 -8.98
CA PHE B 324 32.44 26.40 -9.68
C PHE B 324 32.72 25.88 -11.09
N PHE B 325 33.75 26.40 -11.71
CA PHE B 325 34.06 26.10 -13.05
C PHE B 325 34.48 24.62 -13.14
N LEU B 326 35.31 24.19 -12.21
CA LEU B 326 35.64 22.77 -12.09
C LEU B 326 34.44 21.88 -11.94
N GLU B 327 33.55 22.29 -11.07
CA GLU B 327 32.39 21.44 -10.82
C GLU B 327 31.49 21.45 -12.04
N ALA B 328 31.43 22.57 -12.79
CA ALA B 328 30.62 22.53 -13.97
C ALA B 328 31.23 21.57 -15.04
N LEU B 329 32.55 21.52 -15.12
CA LEU B 329 33.21 20.63 -16.01
C LEU B 329 33.10 19.19 -15.52
N ASN B 330 33.12 18.92 -14.22
CA ASN B 330 32.91 17.54 -13.75
C ASN B 330 31.50 17.01 -13.99
N ALA B 331 30.51 17.86 -14.19
CA ALA B 331 29.17 17.40 -14.58
C ALA B 331 29.03 17.04 -16.07
N LEU B 332 30.02 17.27 -16.92
CA LEU B 332 29.92 16.95 -18.35
C LEU B 332 30.53 15.62 -18.67
N GLY B 333 29.91 14.92 -19.62
CA GLY B 333 30.33 13.60 -20.09
C GLY B 333 31.14 13.68 -21.34
N THR B 334 31.29 14.88 -21.90
CA THR B 334 31.99 15.01 -23.18
C THR B 334 33.45 15.39 -22.94
N THR B 335 34.30 15.11 -23.93
CA THR B 335 35.70 15.54 -23.90
C THR B 335 35.90 17.07 -24.13
N GLN B 336 34.94 17.71 -24.78
CA GLN B 336 35.03 19.11 -25.08
C GLN B 336 33.80 19.79 -24.47
N PHE B 337 33.86 21.08 -24.24
CA PHE B 337 32.72 21.78 -23.71
C PHE B 337 32.53 23.07 -24.42
N VAL B 338 31.30 23.56 -24.34
CA VAL B 338 30.94 24.81 -24.84
C VAL B 338 30.80 25.79 -23.69
N LEU B 339 31.52 26.90 -23.87
CA LEU B 339 31.35 28.08 -23.06
C LEU B 339 30.62 29.15 -23.85
N ARG B 340 29.50 29.56 -23.29
CA ARG B 340 28.65 30.57 -23.89
C ARG B 340 28.66 31.83 -23.03
N CYS B 341 29.05 32.97 -23.62
CA CYS B 341 28.94 34.22 -22.90
C CYS B 341 28.49 35.42 -23.70
N ASN B 342 28.01 36.39 -22.91
CA ASN B 342 27.79 37.77 -23.32
C ASN B 342 28.89 38.65 -22.74
N GLU B 343 28.52 39.68 -21.97
CA GLU B 343 29.51 40.57 -21.36
C GLU B 343 30.25 39.84 -20.23
N PRO B 344 31.55 40.13 -20.12
CA PRO B 344 32.37 39.59 -19.06
C PRO B 344 31.78 39.71 -17.67
N SER B 345 30.85 40.65 -17.43
CA SER B 345 30.20 40.72 -16.09
C SER B 345 28.78 40.19 -16.09
N SER B 346 28.32 39.70 -17.23
CA SER B 346 27.09 38.94 -17.28
C SER B 346 27.38 37.42 -17.18
N PRO B 347 26.46 36.65 -16.55
CA PRO B 347 26.44 35.21 -16.49
C PRO B 347 26.85 34.47 -17.74
N PHE B 348 27.53 33.36 -17.54
CA PHE B 348 27.97 32.57 -18.67
C PHE B 348 27.54 31.15 -18.41
N LEU B 349 27.61 30.30 -19.43
CA LEU B 349 27.05 29.00 -19.39
C LEU B 349 28.04 27.90 -19.84
N ILE B 350 28.12 26.85 -19.04
CA ILE B 350 28.95 25.73 -19.34
C ILE B 350 28.04 24.56 -19.63
N GLN B 351 28.20 24.02 -20.80
CA GLN B 351 27.44 22.84 -21.13
C GLN B 351 28.20 21.95 -22.08
N GLU B 352 27.67 20.75 -22.34
CA GLU B 352 28.37 19.77 -23.10
C GLU B 352 28.48 20.24 -24.56
N SER B 353 29.54 19.80 -25.22
CA SER B 353 29.62 19.75 -26.67
C SER B 353 28.46 18.89 -27.14
N LEU B 354 27.80 19.27 -28.23
CA LEU B 354 26.58 18.55 -28.74
C LEU B 354 25.45 18.28 -27.68
N ASP B 355 25.18 19.26 -26.79
CA ASP B 355 24.09 19.20 -25.76
C ASP B 355 22.66 19.09 -26.30
N GLU B 356 22.41 19.63 -27.49
CA GLU B 356 21.11 19.42 -28.18
C GLU B 356 20.86 17.92 -28.57
N LYS B 357 21.92 17.17 -28.86
CA LYS B 357 21.77 15.75 -29.23
C LYS B 357 21.11 14.90 -28.13
N GLN B 358 20.32 13.91 -28.55
CA GLN B 358 19.57 13.05 -27.62
C GLN B 358 20.41 11.87 -27.10
N SER B 359 20.31 11.63 -25.78
CA SER B 359 21.06 10.58 -25.06
C SER B 359 20.09 9.60 -24.47
N HIS B 360 20.45 8.30 -24.53
CA HIS B 360 19.62 7.23 -23.96
C HIS B 360 19.90 7.04 -22.46
N LEU B 361 21.10 6.54 -22.13
CA LEU B 361 21.44 6.17 -20.77
C LEU B 361 21.55 7.36 -19.78
N ASN B 362 22.03 8.52 -20.25
CA ASN B 362 22.54 9.60 -19.35
C ASN B 362 21.93 11.01 -19.49
N ALA B 363 22.07 11.79 -18.42
CA ALA B 363 21.60 13.18 -18.38
C ALA B 363 22.70 14.17 -18.89
N LYS B 364 22.31 15.27 -19.56
CA LYS B 364 23.26 16.32 -19.97
C LYS B 364 22.95 17.55 -19.17
N ILE B 365 23.88 17.92 -18.31
CA ILE B 365 23.74 19.00 -17.37
C ILE B 365 24.46 20.21 -17.97
N SER B 366 23.77 21.33 -17.89
CA SER B 366 24.31 22.61 -18.18
C SER B 366 24.39 23.43 -16.84
N THR B 367 25.39 24.31 -16.74
CA THR B 367 25.56 25.16 -15.58
C THR B 367 25.67 26.62 -15.97
N LEU B 368 24.87 27.45 -15.35
CA LEU B 368 24.95 28.90 -15.54
C LEU B 368 25.59 29.50 -14.32
N MET B 369 26.60 30.33 -14.54
CA MET B 369 27.41 30.90 -13.48
C MET B 369 27.54 32.44 -13.64
N MET B 370 27.64 33.13 -12.50
CA MET B 370 27.91 34.55 -12.40
C MET B 370 29.42 34.76 -12.38
N PRO B 371 29.98 35.60 -13.26
CA PRO B 371 31.41 35.83 -13.20
C PRO B 371 31.89 36.76 -12.09
N ILE B 372 33.20 36.82 -11.96
CA ILE B 372 33.88 37.69 -11.01
C ILE B 372 34.27 38.93 -11.81
N THR B 373 34.18 40.09 -11.16
CA THR B 373 34.50 41.36 -11.84
C THR B 373 36.04 41.48 -11.97
N LEU B 374 36.50 42.01 -13.11
CA LEU B 374 37.92 42.21 -13.51
C LEU B 374 38.66 40.87 -13.65
OAL 2HQ C . 23.58 32.50 -12.51
CAI 2HQ C . 22.80 32.79 -11.63
CAE 2HQ C . 22.05 34.01 -11.37
CAF 2HQ C . 21.95 35.21 -12.06
CAA 2HQ C . 21.14 36.20 -11.53
CLA 2HQ C . 21.00 37.70 -12.39
CAB 2HQ C . 20.45 36.03 -10.34
CAC 2HQ C . 20.56 34.84 -9.64
CAD 2HQ C . 21.35 33.84 -10.17
NAH 2HQ C . 21.59 32.55 -9.64
CAJ 2HQ C . 22.38 31.84 -10.48
OAK 2HQ C . 22.70 30.68 -10.37
#